data_4GPV
#
_entry.id   4GPV
#
_cell.length_a   46.060
_cell.length_b   61.488
_cell.length_c   64.112
_cell.angle_alpha   109.610
_cell.angle_beta   103.020
_cell.angle_gamma   90.900
#
_symmetry.space_group_name_H-M   'P 1'
#
loop_
_entity.id
_entity.type
_entity.pdbx_description
1 polymer 'putative cell adhesion protein'
2 non-polymer 2-AMINO-2-HYDROXYMETHYL-PROPANE-1,3-DIOL
3 water water
#
_entity_poly.entity_id   1
_entity_poly.type   'polypeptide(L)'
_entity_poly.pdbx_seq_one_letter_code
;GNDEVENLGNNVPGEQAVLTIKLKGDGDNQAQSRAAGPATDTEDAVINNYLVFLFREGGALDCAPYEGSSNAAATITTGT
TAAKKAYVVANTGALAGGLFATVKTETDLLAVTGSL(MSE)DNTDNASTQTKTNLW(MSE)SGESEVKFNGGTNAQVTVS
LSFVAAKIQLIVKDNRKN(MSE)TGGTITITDDAAVLLFAGKKGRFFGSAAEKVTQNEFYTGFNQYTGAFDSGVTTSTAL
SDAVSPGDFTINAGSTVFNHFYTFGNDGTTQPTILAIKSTKTVGGTSSPIFYPILFTNTDARHTIEPGKSYTVTVTLNGD
VAAGGGGGTTDPEEPVVSSSIEVTVTAAQWVTQPVDKEFN
;
_entity_poly.pdbx_strand_id   A,B
#
# COMPACT_ATOMS: atom_id res chain seq x y z
N GLY A 9 48.76 -11.32 22.28
CA GLY A 9 48.21 -12.10 21.19
C GLY A 9 49.05 -12.03 19.92
N ASN A 10 49.13 -13.14 19.21
CA ASN A 10 49.94 -13.26 18.00
C ASN A 10 49.34 -12.49 16.82
N ASN A 11 50.20 -11.75 16.10
CA ASN A 11 49.80 -10.96 14.95
C ASN A 11 50.61 -11.26 13.70
N VAL A 12 51.40 -12.34 13.74
CA VAL A 12 52.24 -12.69 12.59
C VAL A 12 51.35 -13.38 11.51
N PRO A 13 51.61 -13.15 10.21
CA PRO A 13 50.77 -13.80 9.19
C PRO A 13 50.96 -15.31 9.17
N GLY A 14 49.87 -16.01 8.89
CA GLY A 14 49.90 -17.46 8.72
C GLY A 14 50.10 -17.78 7.25
N GLU A 15 49.71 -18.99 6.84
CA GLU A 15 49.80 -19.40 5.45
C GLU A 15 48.57 -18.91 4.70
N GLN A 16 48.66 -18.72 3.38
CA GLN A 16 47.50 -18.26 2.62
C GLN A 16 46.30 -19.16 2.90
N ALA A 17 45.17 -18.55 3.15
CA ALA A 17 43.95 -19.27 3.43
C ALA A 17 42.85 -18.86 2.48
N VAL A 18 41.82 -19.68 2.43
CA VAL A 18 40.58 -19.42 1.71
C VAL A 18 39.50 -19.42 2.76
N LEU A 19 38.78 -18.31 2.88
CA LEU A 19 37.68 -18.15 3.83
C LEU A 19 36.40 -17.94 3.06
N THR A 20 35.38 -18.74 3.38
CA THR A 20 34.06 -18.61 2.76
C THR A 20 33.16 -18.02 3.83
N ILE A 21 32.61 -16.83 3.57
CA ILE A 21 31.76 -16.13 4.52
C ILE A 21 30.34 -16.26 4.04
N LYS A 22 29.46 -16.67 4.93
CA LYS A 22 28.02 -16.79 4.68
C LYS A 22 27.29 -15.83 5.62
N LEU A 23 26.39 -15.02 5.07
CA LEU A 23 25.63 -14.08 5.89
C LEU A 23 24.22 -14.60 6.08
N LYS A 24 23.70 -14.47 7.31
CA LYS A 24 22.33 -14.94 7.58
C LYS A 24 21.70 -14.04 8.61
N GLY A 25 20.42 -14.27 8.88
CA GLY A 25 19.70 -13.46 9.84
C GLY A 25 19.94 -13.88 11.27
N ASP A 26 19.20 -13.24 12.22
CA ASP A 26 19.40 -13.55 13.63
C ASP A 26 18.14 -14.17 14.31
N GLY A 27 17.27 -14.74 13.51
CA GLY A 27 16.03 -15.37 14.00
C GLY A 27 16.14 -16.82 14.41
N ASP A 28 15.04 -17.35 14.99
CA ASP A 28 14.82 -18.72 15.50
C ASP A 28 15.72 -19.02 16.68
N PRO A 38 6.57 -15.60 22.52
CA PRO A 38 7.73 -14.80 22.11
C PRO A 38 7.42 -13.92 20.88
N ALA A 39 7.14 -12.63 21.12
CA ALA A 39 6.82 -11.64 20.09
C ALA A 39 8.04 -11.37 19.19
N THR A 40 7.82 -11.50 17.84
CA THR A 40 8.87 -11.31 16.84
C THR A 40 8.34 -10.52 15.61
N ASP A 41 9.08 -9.47 15.19
CA ASP A 41 8.80 -8.67 14.01
C ASP A 41 9.89 -9.03 12.99
N THR A 42 9.59 -9.96 12.07
CA THR A 42 10.58 -10.42 11.08
C THR A 42 10.57 -9.44 9.92
N GLU A 43 11.73 -8.85 9.65
CA GLU A 43 11.91 -7.83 8.63
C GLU A 43 12.83 -8.34 7.52
N ASP A 44 12.30 -8.48 6.29
CA ASP A 44 13.11 -8.85 5.14
C ASP A 44 13.96 -7.65 4.82
N ALA A 45 15.24 -7.74 5.15
CA ALA A 45 16.16 -6.62 5.01
C ALA A 45 17.11 -6.84 3.90
N VAL A 46 17.11 -5.93 2.94
CA VAL A 46 18.01 -6.06 1.80
C VAL A 46 19.45 -5.71 2.22
N ILE A 47 20.39 -6.55 1.78
CA ILE A 47 21.82 -6.28 1.93
C ILE A 47 22.23 -5.58 0.65
N ASN A 48 22.44 -4.27 0.69
CA ASN A 48 22.87 -3.53 -0.50
C ASN A 48 24.37 -3.72 -0.75
N ASN A 49 25.13 -3.79 0.36
CA ASN A 49 26.58 -3.94 0.37
C ASN A 49 27.02 -4.31 1.78
N TYR A 50 28.27 -4.74 1.91
CA TYR A 50 28.77 -5.06 3.25
C TYR A 50 30.30 -5.02 3.26
N LEU A 51 30.87 -4.98 4.45
CA LEU A 51 32.32 -5.03 4.67
C LEU A 51 32.61 -6.22 5.56
N VAL A 52 33.69 -6.93 5.28
CA VAL A 52 34.16 -8.04 6.12
C VAL A 52 35.57 -7.67 6.62
N PHE A 53 35.74 -7.67 7.95
CA PHE A 53 37.02 -7.42 8.59
C PHE A 53 37.50 -8.71 9.21
N LEU A 54 38.76 -9.07 8.97
CA LEU A 54 39.33 -10.28 9.55
C LEU A 54 40.46 -9.89 10.47
N PHE A 55 40.49 -10.42 11.70
CA PHE A 55 41.55 -10.05 12.64
C PHE A 55 42.29 -11.24 13.17
N ARG A 56 43.58 -11.04 13.46
CA ARG A 56 44.42 -12.06 14.06
C ARG A 56 44.18 -12.06 15.59
N GLU A 57 44.78 -13.04 16.31
CA GLU A 57 44.62 -13.21 17.77
CA GLU A 57 44.62 -13.21 17.77
C GLU A 57 44.96 -11.92 18.53
N GLY A 58 46.00 -11.22 18.09
CA GLY A 58 46.42 -9.98 18.72
C GLY A 58 45.76 -8.71 18.25
N GLY A 59 44.67 -8.84 17.48
CA GLY A 59 43.90 -7.71 16.98
C GLY A 59 44.33 -7.08 15.67
N ALA A 60 45.45 -7.50 15.06
CA ALA A 60 45.87 -6.92 13.78
C ALA A 60 44.94 -7.37 12.65
N LEU A 61 44.77 -6.51 11.63
CA LEU A 61 44.02 -6.91 10.43
C LEU A 61 44.77 -8.07 9.75
N ASP A 62 44.05 -9.10 9.34
CA ASP A 62 44.70 -10.25 8.71
C ASP A 62 44.93 -9.97 7.23
N CYS A 63 44.20 -8.98 6.72
CA CYS A 63 44.24 -8.48 5.35
C CYS A 63 43.36 -7.24 5.27
N ALA A 64 43.43 -6.52 4.13
CA ALA A 64 42.58 -5.33 3.92
C ALA A 64 41.08 -5.75 3.93
N PRO A 65 40.17 -4.91 4.46
CA PRO A 65 38.75 -5.28 4.49
C PRO A 65 38.15 -5.61 3.13
N TYR A 66 37.25 -6.59 3.11
CA TYR A 66 36.57 -7.06 1.91
C TYR A 66 35.33 -6.21 1.66
N GLU A 67 35.18 -5.72 0.44
CA GLU A 67 34.00 -4.94 0.06
C GLU A 67 33.03 -5.83 -0.74
N GLY A 68 31.90 -6.16 -0.12
CA GLY A 68 30.86 -6.97 -0.74
C GLY A 68 29.75 -6.15 -1.34
N SER A 69 29.10 -6.72 -2.35
CA SER A 69 27.94 -6.11 -3.01
C SER A 69 26.64 -6.70 -2.42
N SER A 70 25.56 -6.75 -3.21
CA SER A 70 24.25 -7.21 -2.76
C SER A 70 24.15 -8.72 -2.85
N ASN A 71 24.69 -9.41 -1.85
CA ASN A 71 24.72 -10.87 -1.75
C ASN A 71 24.94 -11.31 -0.29
N ALA A 72 24.95 -12.63 -0.03
CA ALA A 72 25.11 -13.16 1.32
C ALA A 72 26.24 -14.20 1.39
N ALA A 73 27.19 -14.16 0.41
CA ALA A 73 28.33 -15.09 0.36
C ALA A 73 29.58 -14.42 -0.24
N ALA A 74 30.73 -14.53 0.43
CA ALA A 74 32.01 -13.99 -0.05
C ALA A 74 33.11 -15.05 0.02
N THR A 75 34.01 -15.08 -0.97
CA THR A 75 35.19 -15.95 -0.97
C THR A 75 36.39 -15.02 -0.82
N ILE A 76 37.07 -15.09 0.34
CA ILE A 76 38.20 -14.21 0.60
C ILE A 76 39.49 -15.03 0.50
N THR A 77 40.43 -14.60 -0.37
CA THR A 77 41.68 -15.35 -0.53
C THR A 77 42.93 -14.52 -0.17
N THR A 78 42.72 -13.29 0.29
CA THR A 78 43.85 -12.40 0.62
C THR A 78 44.31 -12.53 2.07
N GLY A 79 43.59 -13.31 2.86
CA GLY A 79 43.89 -13.55 4.27
C GLY A 79 44.73 -14.78 4.55
N THR A 80 44.93 -15.07 5.82
CA THR A 80 45.82 -16.17 6.20
C THR A 80 45.19 -17.07 7.26
N THR A 81 45.92 -18.12 7.63
CA THR A 81 45.50 -19.07 8.68
C THR A 81 45.65 -18.44 10.07
N ALA A 82 46.13 -17.18 10.13
CA ALA A 82 46.22 -16.43 11.38
C ALA A 82 44.90 -15.73 11.72
N ALA A 83 43.91 -15.68 10.78
CA ALA A 83 42.60 -15.06 11.07
C ALA A 83 41.90 -15.80 12.21
N LYS A 84 41.39 -15.05 13.21
CA LYS A 84 40.68 -15.61 14.38
C LYS A 84 39.25 -15.12 14.52
N LYS A 85 38.97 -13.89 14.03
CA LYS A 85 37.64 -13.28 14.14
C LYS A 85 37.24 -12.61 12.86
N ALA A 86 35.95 -12.73 12.50
CA ALA A 86 35.38 -12.06 11.34
C ALA A 86 34.26 -11.16 11.82
N TYR A 87 34.29 -9.88 11.45
CA TYR A 87 33.25 -8.90 11.73
C TYR A 87 32.65 -8.48 10.43
N VAL A 88 31.33 -8.33 10.41
CA VAL A 88 30.61 -7.91 9.18
C VAL A 88 29.73 -6.71 9.50
N VAL A 89 29.78 -5.70 8.66
CA VAL A 89 28.91 -4.55 8.75
C VAL A 89 28.22 -4.42 7.41
N ALA A 90 26.89 -4.38 7.38
CA ALA A 90 26.17 -4.24 6.11
C ALA A 90 25.56 -2.85 5.99
N ASN A 91 25.46 -2.37 4.76
CA ASN A 91 24.72 -1.20 4.33
C ASN A 91 25.27 0.13 4.79
N THR A 92 26.60 0.23 4.95
CA THR A 92 27.21 1.53 5.26
C THR A 92 27.90 2.09 3.99
N GLY A 93 27.85 1.36 2.89
CA GLY A 93 28.43 1.78 1.60
C GLY A 93 29.91 1.51 1.45
N ALA A 94 30.55 2.14 0.41
CA ALA A 94 31.96 1.94 0.11
C ALA A 94 32.86 2.15 1.31
N LEU A 95 33.95 1.38 1.35
CA LEU A 95 34.93 1.48 2.42
C LEU A 95 35.60 2.88 2.45
N ALA A 96 36.16 3.35 1.29
CA ALA A 96 36.90 4.60 1.21
C ALA A 96 36.04 5.81 1.56
N GLY A 97 36.56 6.66 2.45
CA GLY A 97 35.84 7.84 2.93
C GLY A 97 34.67 7.55 3.87
N GLY A 98 34.42 6.27 4.13
CA GLY A 98 33.34 5.81 5.00
C GLY A 98 33.73 5.73 6.46
N LEU A 99 32.80 5.23 7.29
CA LEU A 99 33.00 5.14 8.74
C LEU A 99 34.17 4.26 9.17
N PHE A 100 34.54 3.28 8.33
CA PHE A 100 35.53 2.27 8.65
C PHE A 100 36.87 2.44 7.94
N ALA A 101 37.01 3.51 7.14
CA ALA A 101 38.23 3.78 6.33
C ALA A 101 39.54 3.84 7.15
N THR A 102 39.48 4.24 8.44
CA THR A 102 40.72 4.37 9.25
C THR A 102 40.91 3.19 10.23
N VAL A 103 40.07 2.14 10.14
CA VAL A 103 40.19 0.96 11.01
C VAL A 103 41.49 0.22 10.67
N LYS A 104 42.36 0.01 11.67
CA LYS A 104 43.63 -0.68 11.48
C LYS A 104 43.70 -1.93 12.33
N THR A 105 42.95 -1.94 13.44
CA THR A 105 42.93 -3.01 14.42
C THR A 105 41.52 -3.35 14.89
N GLU A 106 41.41 -4.45 15.63
CA GLU A 106 40.13 -4.89 16.18
C GLU A 106 39.63 -3.85 17.19
N THR A 107 40.54 -3.28 18.01
CA THR A 107 40.21 -2.23 18.98
C THR A 107 39.58 -1.05 18.23
N ASP A 108 40.13 -0.66 17.05
CA ASP A 108 39.56 0.43 16.26
C ASP A 108 38.16 0.14 15.79
N LEU A 109 37.94 -1.08 15.24
CA LEU A 109 36.63 -1.42 14.71
C LEU A 109 35.57 -1.41 15.82
N LEU A 110 35.91 -1.94 17.00
CA LEU A 110 34.99 -2.05 18.12
C LEU A 110 34.50 -0.68 18.63
N ALA A 111 35.28 0.38 18.35
CA ALA A 111 34.93 1.74 18.75
C ALA A 111 34.20 2.53 17.67
N VAL A 112 34.09 2.03 16.42
CA VAL A 112 33.43 2.82 15.36
C VAL A 112 31.94 3.06 15.68
N THR A 113 31.48 4.31 15.51
CA THR A 113 30.06 4.63 15.67
C THR A 113 29.59 5.40 14.42
N GLY A 114 28.32 5.25 14.09
CA GLY A 114 27.69 5.98 13.00
C GLY A 114 26.64 6.90 13.59
N SER A 115 26.18 7.90 12.82
CA SER A 115 25.16 8.81 13.37
C SER A 115 23.83 8.45 12.83
N LEU A 116 22.76 8.83 13.58
CA LEU A 116 21.42 8.48 13.08
C LEU A 116 21.06 9.31 11.86
N ASP A 118 22.44 11.98 8.52
CA ASP A 118 23.56 12.32 7.65
C ASP A 118 24.10 13.73 8.04
N ASN A 119 25.10 14.31 7.31
CA ASN A 119 25.64 15.60 7.77
C ASN A 119 24.73 16.83 7.57
N THR A 120 23.53 16.67 7.01
CA THR A 120 22.58 17.77 6.94
C THR A 120 21.78 17.84 8.25
N ASP A 121 21.82 16.74 9.05
CA ASP A 121 21.09 16.51 10.31
C ASP A 121 19.60 16.24 10.11
N ASN A 122 19.11 16.34 8.87
CA ASN A 122 17.67 16.23 8.57
C ASN A 122 17.28 15.04 7.72
N ALA A 123 18.22 14.17 7.40
CA ALA A 123 17.93 12.94 6.65
C ALA A 123 18.53 11.77 7.40
N SER A 124 17.76 10.69 7.63
CA SER A 124 18.27 9.54 8.38
C SER A 124 19.21 8.67 7.56
N THR A 125 20.18 8.05 8.26
CA THR A 125 21.07 7.06 7.68
C THR A 125 20.30 5.74 7.52
N GLN A 126 19.19 5.61 8.30
CA GLN A 126 18.34 4.41 8.34
C GLN A 126 17.08 4.63 7.49
N THR A 127 16.90 3.81 6.45
CA THR A 127 15.70 3.90 5.60
C THR A 127 15.15 2.48 5.44
N LYS A 128 13.88 2.35 5.03
CA LYS A 128 13.29 1.02 4.82
C LYS A 128 14.13 0.17 3.84
N THR A 129 14.79 0.82 2.85
CA THR A 129 15.59 0.12 1.86
C THR A 129 17.09 0.03 2.22
N ASN A 130 17.50 0.56 3.39
CA ASN A 130 18.91 0.55 3.80
C ASN A 130 19.02 0.66 5.29
N LEU A 131 19.10 -0.50 5.94
CA LEU A 131 19.22 -0.56 7.40
C LEU A 131 20.60 -1.14 7.76
N TRP A 132 21.32 -0.45 8.65
CA TRP A 132 22.63 -0.96 9.07
C TRP A 132 22.45 -2.26 9.85
N SER A 134 24.95 -5.64 11.64
CA SER A 134 26.30 -6.05 11.97
C SER A 134 26.28 -7.40 12.68
N GLY A 135 27.41 -8.07 12.64
CA GLY A 135 27.56 -9.37 13.28
C GLY A 135 29.00 -9.78 13.33
N GLU A 136 29.30 -10.87 14.07
CA GLU A 136 30.70 -11.30 14.15
C GLU A 136 30.74 -12.79 14.41
N SER A 137 31.88 -13.41 14.08
CA SER A 137 32.02 -14.85 14.31
C SER A 137 33.48 -15.21 14.50
N GLU A 138 33.71 -16.31 15.23
CA GLU A 138 35.04 -16.90 15.36
C GLU A 138 35.41 -17.57 14.01
N VAL A 139 36.69 -17.55 13.67
CA VAL A 139 37.22 -18.20 12.45
C VAL A 139 37.96 -19.45 12.90
N LYS A 140 37.63 -20.62 12.36
CA LYS A 140 38.27 -21.90 12.74
C LYS A 140 38.81 -22.64 11.53
N PHE A 141 40.09 -23.03 11.58
CA PHE A 141 40.76 -23.74 10.48
C PHE A 141 41.03 -25.21 10.80
N ASN A 142 41.22 -25.55 12.10
CA ASN A 142 41.55 -26.90 12.60
C ASN A 142 42.78 -27.52 11.86
N GLY A 143 43.87 -26.76 11.80
CA GLY A 143 45.11 -27.18 11.15
C GLY A 143 45.17 -27.02 9.64
N GLY A 144 44.01 -26.75 9.02
CA GLY A 144 43.89 -26.60 7.59
C GLY A 144 44.04 -25.18 7.09
N THR A 145 43.85 -24.98 5.79
CA THR A 145 43.99 -23.68 5.14
C THR A 145 42.64 -23.19 4.62
N ASN A 146 41.55 -23.87 4.99
CA ASN A 146 40.21 -23.53 4.54
C ASN A 146 39.29 -23.34 5.71
N ALA A 147 38.50 -22.29 5.67
CA ALA A 147 37.54 -22.02 6.73
C ALA A 147 36.18 -21.61 6.19
N GLN A 148 35.13 -22.12 6.83
CA GLN A 148 33.74 -21.79 6.53
CA GLN A 148 33.74 -21.79 6.53
C GLN A 148 33.26 -20.94 7.70
N VAL A 149 32.82 -19.69 7.43
CA VAL A 149 32.39 -18.79 8.53
C VAL A 149 30.96 -18.34 8.26
N THR A 150 30.05 -18.53 9.21
CA THR A 150 28.67 -18.04 9.11
C THR A 150 28.52 -16.89 10.10
N VAL A 151 28.02 -15.74 9.62
CA VAL A 151 27.85 -14.57 10.47
C VAL A 151 26.38 -14.19 10.48
N SER A 152 25.80 -14.15 11.69
CA SER A 152 24.41 -13.76 11.89
CA SER A 152 24.41 -13.77 11.90
CA SER A 152 24.41 -13.76 11.89
C SER A 152 24.35 -12.25 12.08
N LEU A 153 23.59 -11.59 11.24
CA LEU A 153 23.45 -10.14 11.28
C LEU A 153 22.26 -9.69 12.08
N SER A 154 22.43 -8.58 12.84
CA SER A 154 21.35 -7.99 13.62
CA SER A 154 21.34 -8.00 13.60
C SER A 154 21.26 -6.51 13.29
N PHE A 155 20.07 -5.92 13.39
CA PHE A 155 19.93 -4.48 13.14
C PHE A 155 20.67 -3.69 14.17
N VAL A 156 21.30 -2.59 13.75
CA VAL A 156 21.97 -1.67 14.67
C VAL A 156 20.90 -0.80 15.34
N ALA A 157 19.86 -0.43 14.59
CA ALA A 157 18.77 0.42 15.08
C ALA A 157 17.65 -0.39 15.78
N ALA A 158 16.70 0.38 16.33
CA ALA A 158 15.41 -0.07 16.84
C ALA A 158 14.34 0.57 15.95
N LYS A 159 13.15 0.03 15.96
CA LYS A 159 12.04 0.58 15.20
C LYS A 159 10.90 0.91 16.15
N ILE A 160 10.27 2.07 15.95
CA ILE A 160 9.12 2.48 16.80
C ILE A 160 7.94 2.72 15.87
N GLN A 161 6.81 2.03 16.09
CA GLN A 161 5.60 2.21 15.28
C GLN A 161 4.52 2.86 16.13
N LEU A 162 3.70 3.73 15.54
CA LEU A 162 2.62 4.39 16.26
C LEU A 162 1.26 4.03 15.68
N ILE A 163 0.35 3.57 16.57
CA ILE A 163 -1.06 3.30 16.28
C ILE A 163 -1.89 4.32 17.08
N VAL A 164 -2.72 5.14 16.41
CA VAL A 164 -3.53 6.13 17.07
C VAL A 164 -5.00 5.71 17.01
N LYS A 165 -5.64 5.64 18.16
CA LYS A 165 -7.09 5.37 18.27
C LYS A 165 -7.68 6.65 18.81
N ASP A 166 -8.28 7.46 17.93
CA ASP A 166 -8.77 8.77 18.31
C ASP A 166 -10.26 8.76 18.65
N ASN A 167 -10.58 8.92 19.96
CA ASN A 167 -11.95 8.95 20.47
C ASN A 167 -12.31 10.33 20.99
N ARG A 168 -11.49 11.34 20.64
CA ARG A 168 -11.79 12.73 21.02
C ARG A 168 -12.99 13.20 20.18
N LYS A 169 -13.85 14.03 20.77
CA LYS A 169 -15.01 14.55 20.07
C LYS A 169 -14.93 16.05 19.98
N ASN A 170 -15.58 16.63 18.97
CA ASN A 170 -15.71 18.08 18.79
C ASN A 170 -14.35 18.80 18.88
N THR A 172 -13.08 20.58 16.51
CA THR A 172 -13.24 21.86 15.82
C THR A 172 -14.69 22.32 15.97
N GLY A 173 -14.91 23.62 15.74
CA GLY A 173 -16.24 24.21 15.80
C GLY A 173 -16.63 24.80 17.13
N GLY A 174 -15.98 24.36 18.22
CA GLY A 174 -16.26 24.82 19.57
C GLY A 174 -15.35 25.94 20.05
N THR A 175 -15.46 26.25 21.36
CA THR A 175 -14.69 27.32 22.03
C THR A 175 -13.21 26.95 22.05
N ILE A 176 -12.95 25.67 22.28
CA ILE A 176 -11.60 25.11 22.31
C ILE A 176 -11.46 24.30 21.07
N THR A 177 -10.35 24.53 20.34
CA THR A 177 -10.09 23.75 19.14
CA THR A 177 -10.04 23.82 19.10
C THR A 177 -8.69 23.16 19.26
N ILE A 178 -8.54 21.94 18.73
CA ILE A 178 -7.25 21.24 18.71
C ILE A 178 -7.07 20.79 17.30
N THR A 179 -5.89 21.09 16.73
CA THR A 179 -5.48 20.63 15.42
C THR A 179 -4.22 19.80 15.65
N ASP A 180 -4.22 18.53 15.22
CA ASP A 180 -3.01 17.73 15.37
C ASP A 180 -2.04 18.12 14.26
N ASP A 181 -0.73 18.29 14.60
CA ASP A 181 0.23 18.74 13.60
C ASP A 181 1.17 17.64 13.13
N ALA A 182 1.71 16.84 14.07
CA ALA A 182 2.68 15.84 13.67
C ALA A 182 2.86 14.74 14.69
N ALA A 183 3.33 13.58 14.22
CA ALA A 183 3.84 12.53 15.09
C ALA A 183 5.34 12.79 15.15
N VAL A 184 5.86 12.98 16.36
CA VAL A 184 7.27 13.39 16.53
C VAL A 184 8.05 12.44 17.43
N LEU A 185 9.35 12.31 17.18
CA LEU A 185 10.23 11.55 18.03
C LEU A 185 11.14 12.55 18.67
N LEU A 186 11.18 12.57 19.99
CA LEU A 186 12.03 13.50 20.72
C LEU A 186 13.18 12.76 21.32
N PHE A 187 14.41 13.31 21.20
CA PHE A 187 15.59 12.72 21.82
C PHE A 187 15.86 11.32 21.34
N ALA A 188 15.97 11.18 20.03
CA ALA A 188 16.45 9.95 19.39
C ALA A 188 17.96 9.89 19.66
N GLY A 189 18.48 8.74 20.14
CA GLY A 189 19.91 8.63 20.38
C GLY A 189 20.72 8.86 19.10
N LYS A 190 21.76 9.71 19.17
CA LYS A 190 22.54 10.03 17.97
C LYS A 190 23.48 8.89 17.51
N LYS A 191 24.12 8.19 18.46
CA LYS A 191 25.18 7.20 18.19
CA LYS A 191 25.19 7.23 18.20
C LYS A 191 24.71 5.80 17.97
N GLY A 192 25.14 5.23 16.86
CA GLY A 192 24.84 3.86 16.49
C GLY A 192 26.14 3.07 16.59
N ARG A 193 26.25 2.22 17.62
CA ARG A 193 27.41 1.39 17.82
C ARG A 193 27.24 0.11 17.07
N PHE A 194 28.20 -0.23 16.21
CA PHE A 194 28.08 -1.48 15.48
C PHE A 194 28.45 -2.67 16.34
N PHE A 195 29.47 -2.50 17.21
CA PHE A 195 29.96 -3.57 18.07
C PHE A 195 30.07 -3.04 19.49
N GLY A 196 30.60 -3.83 20.37
CA GLY A 196 30.70 -3.40 21.76
C GLY A 196 29.65 -4.06 22.60
N SER A 197 29.65 -3.70 23.87
CA SER A 197 28.76 -4.31 24.83
C SER A 197 27.33 -3.81 24.66
N ALA A 198 26.39 -4.59 25.19
CA ALA A 198 24.99 -4.21 25.18
C ALA A 198 24.83 -2.85 25.91
N ALA A 199 25.59 -2.65 27.02
CA ALA A 199 25.48 -1.39 27.78
C ALA A 199 25.97 -0.19 26.97
N GLU A 200 27.07 -0.35 26.23
CA GLU A 200 27.62 0.74 25.40
C GLU A 200 26.64 1.14 24.29
N LYS A 201 25.90 0.15 23.72
CA LYS A 201 24.99 0.39 22.61
C LYS A 201 23.78 1.24 22.96
N VAL A 202 23.44 1.36 24.28
CA VAL A 202 22.27 2.14 24.72
C VAL A 202 22.68 3.41 25.50
N THR A 203 23.97 3.74 25.51
N THR A 203 23.97 3.73 25.54
CA THR A 203 24.42 4.94 26.22
CA THR A 203 24.42 4.95 26.23
C THR A 203 24.47 6.09 25.24
C THR A 203 24.45 6.09 25.23
N GLN A 204 23.80 7.21 25.57
CA GLN A 204 23.76 8.40 24.70
C GLN A 204 23.99 9.64 25.49
N ASN A 205 24.67 10.62 24.90
CA ASN A 205 24.81 11.93 25.52
C ASN A 205 24.57 13.02 24.46
N GLU A 206 24.22 12.61 23.23
CA GLU A 206 23.85 13.44 22.09
C GLU A 206 22.60 12.87 21.44
N PHE A 207 21.74 13.75 20.98
CA PHE A 207 20.43 13.35 20.46
C PHE A 207 19.99 14.17 19.27
N TYR A 208 19.01 13.63 18.55
CA TYR A 208 18.26 14.40 17.57
C TYR A 208 16.83 14.57 18.10
N THR A 209 16.12 15.62 17.68
CA THR A 209 14.75 15.78 18.14
C THR A 209 13.88 16.35 16.99
N GLY A 210 12.66 15.87 16.89
CA GLY A 210 11.74 16.31 15.84
C GLY A 210 11.05 17.63 16.09
N PHE A 211 11.03 18.09 17.35
CA PHE A 211 10.38 19.33 17.72
C PHE A 211 10.98 19.84 19.02
N ASN A 212 11.28 21.15 19.13
CA ASN A 212 11.85 21.63 20.39
C ASN A 212 11.28 23.00 20.79
N GLN A 213 10.18 23.43 20.16
CA GLN A 213 9.58 24.76 20.42
C GLN A 213 8.49 24.68 21.50
N TYR A 214 8.91 24.22 22.69
CA TYR A 214 8.09 24.11 23.89
C TYR A 214 8.94 24.55 25.08
N THR A 215 8.32 25.10 26.13
CA THR A 215 9.03 25.62 27.30
CA THR A 215 9.08 25.63 27.26
C THR A 215 9.85 24.53 28.01
N GLY A 216 11.08 24.89 28.36
CA GLY A 216 12.05 24.08 29.09
C GLY A 216 12.55 22.83 28.42
N ALA A 217 12.53 22.81 27.09
CA ALA A 217 13.00 21.67 26.32
C ALA A 217 14.46 21.36 26.63
N PHE A 218 14.75 20.09 26.89
CA PHE A 218 16.11 19.60 27.14
C PHE A 218 16.93 19.91 25.91
N ASP A 219 18.09 20.56 26.06
CA ASP A 219 18.84 21.00 24.89
C ASP A 219 20.34 20.63 24.91
N SER A 220 20.82 19.94 25.95
CA SER A 220 22.23 19.57 26.03
C SER A 220 22.58 18.51 24.97
N GLY A 221 23.39 18.91 23.98
CA GLY A 221 23.82 18.02 22.89
C GLY A 221 22.67 17.57 22.02
N VAL A 222 21.68 18.46 21.81
CA VAL A 222 20.48 18.14 21.03
C VAL A 222 20.50 18.90 19.70
N THR A 223 20.19 18.20 18.59
CA THR A 223 20.09 18.76 17.25
C THR A 223 18.70 18.49 16.70
N THR A 224 18.05 19.49 16.08
CA THR A 224 16.73 19.25 15.49
C THR A 224 16.90 18.50 14.17
N SER A 225 15.93 17.64 13.87
CA SER A 225 15.89 16.87 12.64
C SER A 225 14.47 16.81 12.13
N THR A 226 14.27 17.26 10.87
CA THR A 226 12.94 17.19 10.27
C THR A 226 12.56 15.73 9.98
N ALA A 227 13.53 14.80 9.92
CA ALA A 227 13.21 13.39 9.70
C ALA A 227 12.45 12.79 10.89
N LEU A 228 12.43 13.50 12.03
CA LEU A 228 11.77 13.00 13.24
C LEU A 228 10.41 13.68 13.49
N SER A 229 9.80 14.18 12.41
CA SER A 229 8.46 14.78 12.48
C SER A 229 7.69 14.37 11.24
N ASP A 230 6.58 13.65 11.40
CA ASP A 230 5.72 13.24 10.29
C ASP A 230 4.39 13.98 10.40
N ALA A 231 4.10 14.84 9.41
CA ALA A 231 2.89 15.68 9.44
C ALA A 231 1.61 14.86 9.47
N VAL A 232 0.64 15.38 10.23
CA VAL A 232 -0.71 14.80 10.33
C VAL A 232 -1.68 15.65 9.49
N SER A 233 -2.49 14.97 8.68
CA SER A 233 -3.46 15.68 7.87
C SER A 233 -4.88 15.38 8.36
N PRO A 234 -5.90 16.24 8.05
CA PRO A 234 -7.27 15.89 8.43
C PRO A 234 -7.63 14.53 7.83
N GLY A 235 -8.29 13.69 8.61
CA GLY A 235 -8.67 12.36 8.16
C GLY A 235 -7.71 11.26 8.52
N ASP A 236 -6.42 11.60 8.83
CA ASP A 236 -5.40 10.61 9.20
C ASP A 236 -5.76 9.88 10.50
N PHE A 237 -6.19 10.64 11.53
CA PHE A 237 -6.56 10.02 12.81
C PHE A 237 -8.07 9.77 12.91
N THR A 238 -8.43 8.51 13.17
CA THR A 238 -9.83 8.10 13.33
C THR A 238 -9.94 7.17 14.57
N ILE A 239 -11.13 6.60 14.80
CA ILE A 239 -11.35 5.60 15.87
C ILE A 239 -10.40 4.43 15.63
N ASN A 240 -10.03 4.20 14.36
CA ASN A 240 -9.07 3.21 13.91
C ASN A 240 -9.33 1.82 14.55
N ALA A 241 -10.56 1.30 14.35
CA ALA A 241 -10.97 0.00 14.87
C ALA A 241 -10.04 -1.14 14.43
N GLY A 242 -9.41 -0.99 13.25
CA GLY A 242 -8.48 -1.96 12.68
C GLY A 242 -7.05 -1.88 13.20
N SER A 243 -6.71 -0.88 14.05
CA SER A 243 -5.36 -0.70 14.64
C SER A 243 -4.29 -0.56 13.56
N THR A 244 -4.59 0.21 12.50
CA THR A 244 -3.59 0.46 11.46
C THR A 244 -2.48 1.39 12.01
N VAL A 245 -1.26 1.20 11.51
CA VAL A 245 -0.09 1.97 11.93
C VAL A 245 -0.06 3.31 11.17
N PHE A 246 0.14 4.41 11.89
CA PHE A 246 0.22 5.73 11.27
C PHE A 246 1.60 5.98 10.65
N ASN A 247 2.65 5.68 11.41
CA ASN A 247 4.03 5.87 10.92
C ASN A 247 4.98 5.04 11.76
N HIS A 248 6.26 5.10 11.41
CA HIS A 248 7.29 4.46 12.19
C HIS A 248 8.55 5.32 12.10
N PHE A 249 9.43 5.19 13.10
CA PHE A 249 10.74 5.84 13.11
C PHE A 249 11.80 4.82 13.41
N TYR A 250 12.99 5.01 12.86
CA TYR A 250 14.16 4.22 13.22
C TYR A 250 14.96 5.05 14.18
N THR A 251 15.52 4.44 15.21
CA THR A 251 16.32 5.24 16.15
C THR A 251 17.40 4.35 16.74
N PHE A 252 18.31 4.93 17.49
CA PHE A 252 19.32 4.10 18.11
C PHE A 252 19.03 3.86 19.63
N GLY A 253 19.78 2.92 20.21
CA GLY A 253 19.64 2.54 21.61
C GLY A 253 19.68 3.72 22.55
N ASN A 254 18.85 3.72 23.57
CA ASN A 254 18.82 4.82 24.53
C ASN A 254 18.23 4.32 25.85
N ASP A 255 19.07 4.15 26.88
CA ASP A 255 18.62 3.68 28.22
C ASP A 255 17.99 4.83 29.01
N GLY A 256 18.08 6.03 28.46
CA GLY A 256 17.51 7.23 29.06
C GLY A 256 18.19 7.72 30.31
N THR A 257 19.43 7.25 30.60
CA THR A 257 20.12 7.69 31.81
C THR A 257 20.60 9.15 31.66
N THR A 258 20.66 9.68 30.41
CA THR A 258 20.90 11.11 30.22
C THR A 258 19.55 11.76 29.90
N GLN A 259 18.87 11.26 28.86
CA GLN A 259 17.56 11.78 28.48
C GLN A 259 16.81 10.69 27.78
N PRO A 260 15.61 10.28 28.24
CA PRO A 260 14.91 9.23 27.49
C PRO A 260 14.33 9.71 26.19
N THR A 261 14.16 8.77 25.27
CA THR A 261 13.49 9.02 24.00
C THR A 261 11.98 9.16 24.31
N ILE A 262 11.29 10.02 23.55
CA ILE A 262 9.85 10.27 23.75
C ILE A 262 9.16 10.23 22.39
N LEU A 263 8.08 9.46 22.30
CA LEU A 263 7.22 9.48 21.09
C LEU A 263 6.00 10.30 21.42
N ALA A 264 5.60 11.26 20.55
CA ALA A 264 4.42 12.03 20.86
C ALA A 264 3.63 12.44 19.63
N ILE A 265 2.35 12.72 19.86
CA ILE A 265 1.54 13.45 18.91
C ILE A 265 1.69 14.91 19.34
N LYS A 266 2.14 15.80 18.44
CA LYS A 266 2.26 17.22 18.75
C LYS A 266 1.07 17.91 18.10
N SER A 267 0.33 18.74 18.86
CA SER A 267 -0.84 19.40 18.33
C SER A 267 -0.83 20.86 18.73
N THR A 268 -1.76 21.62 18.16
CA THR A 268 -1.93 23.03 18.52
C THR A 268 -3.32 23.21 19.13
N LYS A 269 -3.35 23.75 20.36
CA LYS A 269 -4.62 24.03 21.05
C LYS A 269 -4.88 25.53 20.95
N THR A 270 -6.10 25.92 20.52
CA THR A 270 -6.49 27.32 20.42
C THR A 270 -7.71 27.58 21.32
N VAL A 271 -7.56 28.55 22.21
CA VAL A 271 -8.61 28.98 23.16
C VAL A 271 -8.64 30.49 23.14
N GLY A 272 -9.68 31.03 22.53
N GLY A 272 -9.71 31.05 22.60
CA GLY A 272 -9.78 32.48 22.35
CA GLY A 272 -9.90 32.49 22.51
C GLY A 272 -8.61 32.95 21.52
C GLY A 272 -8.76 33.28 21.89
N GLY A 273 -7.91 33.97 22.01
N GLY A 273 -8.23 32.76 20.80
CA GLY A 273 -6.74 34.54 21.35
CA GLY A 273 -7.13 33.40 20.06
C GLY A 273 -5.41 33.86 21.63
C GLY A 273 -5.74 33.00 20.47
N THR A 274 -5.43 32.63 22.20
N THR A 274 -5.55 32.53 21.73
CA THR A 274 -4.15 31.97 22.47
CA THR A 274 -4.25 32.09 22.23
C THR A 274 -4.05 30.61 21.80
C THR A 274 -4.03 30.64 21.80
N SER A 275 -2.94 30.39 21.04
CA SER A 275 -2.60 29.09 20.48
C SER A 275 -1.32 28.62 21.13
N SER A 276 -1.25 27.34 21.50
CA SER A 276 -0.07 26.82 22.17
C SER A 276 0.15 25.37 21.81
N PRO A 277 1.41 24.89 21.85
CA PRO A 277 1.65 23.48 21.54
C PRO A 277 1.25 22.57 22.71
N ILE A 278 0.64 21.44 22.37
CA ILE A 278 0.24 20.41 23.35
C ILE A 278 0.75 19.11 22.82
N PHE A 279 0.88 18.14 23.71
CA PHE A 279 1.45 16.83 23.35
C PHE A 279 0.66 15.69 23.94
N TYR A 280 0.65 14.54 23.23
CA TYR A 280 0.09 13.29 23.75
C TYR A 280 1.29 12.34 23.73
N PRO A 281 2.10 12.32 24.80
CA PRO A 281 3.39 11.63 24.72
C PRO A 281 3.51 10.29 25.46
N ILE A 282 4.58 9.58 25.14
CA ILE A 282 5.00 8.36 25.84
C ILE A 282 6.51 8.42 26.02
N LEU A 283 6.96 8.34 27.29
CA LEU A 283 8.39 8.34 27.62
C LEU A 283 8.89 6.93 27.63
N PHE A 284 10.01 6.67 26.95
CA PHE A 284 10.64 5.34 26.93
C PHE A 284 11.57 5.24 28.14
N THR A 285 10.92 5.11 29.30
CA THR A 285 11.56 4.90 30.61
C THR A 285 10.98 3.64 31.23
N ASN A 286 11.70 3.10 32.24
CA ASN A 286 11.17 1.95 32.98
C ASN A 286 9.87 2.23 33.74
N THR A 287 9.60 3.50 34.13
CA THR A 287 8.39 3.83 34.90
C THR A 287 7.21 4.27 34.03
N ASP A 288 7.43 4.73 32.77
CA ASP A 288 6.30 5.18 31.94
C ASP A 288 5.94 4.08 30.93
N ALA A 289 6.71 3.95 29.85
CA ALA A 289 6.48 2.91 28.85
C ALA A 289 6.78 1.52 29.39
N ARG A 290 7.62 1.42 30.46
CA ARG A 290 8.11 0.15 31.06
CA ARG A 290 8.10 0.15 31.06
C ARG A 290 9.11 -0.49 30.09
N HIS A 291 9.68 0.34 29.20
CA HIS A 291 10.69 -0.02 28.21
C HIS A 291 11.56 1.15 27.90
N THR A 292 12.87 0.91 27.81
CA THR A 292 13.78 1.89 27.26
C THR A 292 14.04 1.41 25.82
N ILE A 293 14.89 2.09 25.05
CA ILE A 293 15.06 1.66 23.67
C ILE A 293 16.31 0.82 23.54
N GLU A 294 16.15 -0.38 22.96
CA GLU A 294 17.26 -1.30 22.72
C GLU A 294 17.44 -1.54 21.23
N PRO A 295 18.68 -1.70 20.74
CA PRO A 295 18.86 -2.06 19.33
C PRO A 295 18.22 -3.40 19.04
N GLY A 296 17.76 -3.60 17.82
CA GLY A 296 17.20 -4.90 17.44
C GLY A 296 15.86 -5.21 18.04
N LYS A 297 15.15 -4.19 18.53
CA LYS A 297 13.78 -4.38 19.05
C LYS A 297 12.85 -3.50 18.25
N SER A 298 11.59 -3.95 18.15
CA SER A 298 10.55 -3.28 17.40
C SER A 298 9.43 -2.95 18.39
N TYR A 299 9.18 -1.65 18.63
CA TYR A 299 8.19 -1.22 19.62
C TYR A 299 6.93 -0.79 18.94
N THR A 300 5.81 -1.24 19.45
CA THR A 300 4.51 -0.84 18.95
C THR A 300 3.84 0.00 20.06
N VAL A 301 3.55 1.26 19.73
CA VAL A 301 2.93 2.16 20.70
C VAL A 301 1.52 2.42 20.24
N THR A 302 0.51 2.03 21.06
CA THR A 302 -0.91 2.33 20.76
C THR A 302 -1.34 3.43 21.70
N VAL A 303 -1.80 4.56 21.14
CA VAL A 303 -2.24 5.72 21.92
C VAL A 303 -3.73 5.87 21.67
N THR A 304 -4.55 5.75 22.74
CA THR A 304 -6.00 5.94 22.67
C THR A 304 -6.26 7.27 23.31
N LEU A 305 -6.86 8.18 22.55
CA LEU A 305 -7.20 9.53 23.01
C LEU A 305 -8.69 9.68 23.23
N ASN A 306 -9.12 10.36 24.27
CA ASN A 306 -10.56 10.60 24.43
C ASN A 306 -10.79 11.95 25.09
N GLY A 307 -12.05 12.35 25.15
CA GLY A 307 -12.47 13.62 25.71
C GLY A 307 -13.23 14.49 24.74
N ASP A 308 -14.17 15.30 25.26
CA ASP A 308 -14.90 16.26 24.42
C ASP A 308 -14.05 17.51 24.40
N VAL A 309 -13.37 17.76 23.27
CA VAL A 309 -12.42 18.87 23.15
C VAL A 309 -13.10 20.23 23.34
N ALA A 310 -14.23 20.49 22.63
CA ALA A 310 -14.95 21.77 22.73
C ALA A 310 -15.31 22.09 24.17
N ALA A 311 -15.54 21.03 25.01
CA ALA A 311 -15.92 21.11 26.42
C ALA A 311 -14.73 21.08 27.42
N GLY A 312 -13.49 21.11 26.94
CA GLY A 312 -12.30 21.12 27.80
C GLY A 312 -11.59 19.80 28.04
N GLY A 313 -12.08 18.72 27.43
CA GLY A 313 -11.45 17.41 27.59
C GLY A 313 -10.43 17.17 26.49
N GLY A 314 -9.73 16.03 26.56
CA GLY A 314 -8.74 15.62 25.57
C GLY A 314 -7.64 16.60 25.20
N GLY A 315 -7.18 17.38 26.17
CA GLY A 315 -6.19 18.45 25.98
C GLY A 315 -4.71 18.14 26.07
N GLY A 316 -4.34 16.89 26.31
CA GLY A 316 -2.92 16.50 26.38
C GLY A 316 -2.16 17.19 27.48
N THR A 317 -0.86 17.41 27.25
CA THR A 317 0.04 18.09 28.18
C THR A 317 0.89 19.14 27.48
N THR A 318 1.28 20.18 28.23
CA THR A 318 2.16 21.24 27.73
C THR A 318 3.63 20.80 27.79
N ASP A 319 3.97 19.81 28.66
CA ASP A 319 5.37 19.37 28.81
C ASP A 319 5.49 17.89 28.49
N PRO A 320 6.01 17.57 27.30
CA PRO A 320 6.12 16.16 26.92
C PRO A 320 7.24 15.43 27.66
N GLU A 321 8.14 16.16 28.33
CA GLU A 321 9.27 15.54 29.05
C GLU A 321 8.89 15.06 30.46
N GLU A 322 7.69 15.41 30.93
CA GLU A 322 7.19 14.99 32.25
C GLU A 322 6.11 13.92 32.05
N PRO A 323 6.10 12.82 32.84
CA PRO A 323 5.07 11.78 32.64
C PRO A 323 3.65 12.32 32.80
N VAL A 324 2.72 11.72 32.04
CA VAL A 324 1.32 12.14 32.04
C VAL A 324 0.51 11.12 32.82
N VAL A 325 -0.33 11.63 33.72
CA VAL A 325 -1.28 10.87 34.53
C VAL A 325 -2.63 11.51 34.23
N SER A 326 -3.38 10.92 33.27
CA SER A 326 -4.69 11.40 32.83
C SER A 326 -5.50 10.30 32.14
N SER A 327 -6.83 10.36 32.32
CA SER A 327 -7.82 9.45 31.75
C SER A 327 -7.95 9.66 30.23
N SER A 328 -7.62 10.88 29.76
CA SER A 328 -7.71 11.32 28.37
C SER A 328 -6.67 10.66 27.43
N ILE A 329 -5.58 10.12 28.00
CA ILE A 329 -4.53 9.44 27.23
C ILE A 329 -4.32 8.05 27.82
N GLU A 330 -4.49 7.01 26.98
CA GLU A 330 -4.25 5.61 27.35
C GLU A 330 -3.17 5.11 26.40
N VAL A 331 -2.06 4.59 26.95
CA VAL A 331 -0.94 4.14 26.10
C VAL A 331 -0.52 2.72 26.45
N THR A 332 -0.33 1.89 25.41
CA THR A 332 0.23 0.54 25.58
CA THR A 332 0.21 0.55 25.61
C THR A 332 1.49 0.50 24.76
N VAL A 333 2.55 -0.07 25.34
CA VAL A 333 3.83 -0.22 24.62
C VAL A 333 4.21 -1.67 24.67
N THR A 334 4.40 -2.27 23.51
CA THR A 334 4.87 -3.65 23.47
C THR A 334 6.18 -3.67 22.70
N ALA A 335 7.06 -4.60 23.06
CA ALA A 335 8.35 -4.73 22.42
C ALA A 335 8.45 -6.11 21.83
N ALA A 336 8.93 -6.21 20.60
CA ALA A 336 9.16 -7.50 19.96
C ALA A 336 10.58 -7.55 19.46
N GLN A 337 11.12 -8.76 19.30
CA GLN A 337 12.44 -8.88 18.70
C GLN A 337 12.33 -8.44 17.26
N TRP A 338 13.21 -7.54 16.80
CA TRP A 338 13.22 -7.10 15.41
C TRP A 338 14.24 -7.97 14.70
N VAL A 339 13.75 -8.98 13.97
CA VAL A 339 14.59 -10.01 13.36
C VAL A 339 14.92 -9.64 11.92
N THR A 340 16.20 -9.78 11.57
CA THR A 340 16.67 -9.56 10.21
C THR A 340 16.36 -10.81 9.40
N GLN A 341 15.92 -10.62 8.17
CA GLN A 341 15.78 -11.73 7.23
C GLN A 341 16.53 -11.24 5.98
N PRO A 342 17.91 -11.23 6.00
CA PRO A 342 18.69 -10.66 4.90
C PRO A 342 18.36 -11.26 3.54
N VAL A 343 18.14 -10.38 2.55
CA VAL A 343 17.83 -10.77 1.17
C VAL A 343 18.78 -10.02 0.20
N ASP A 344 18.93 -10.55 -1.03
CA ASP A 344 19.78 -9.96 -2.08
C ASP A 344 18.93 -9.20 -3.09
N GLY B 9 -48.97 4.22 -25.29
CA GLY B 9 -49.63 3.04 -25.84
C GLY B 9 -50.60 2.37 -24.88
N ASN B 10 -51.13 1.20 -25.30
CA ASN B 10 -52.12 0.49 -24.50
C ASN B 10 -51.49 -0.30 -23.36
N ASN B 11 -52.18 -0.27 -22.21
CA ASN B 11 -51.69 -0.91 -21.00
C ASN B 11 -52.72 -1.86 -20.39
N VAL B 12 -53.74 -2.24 -21.16
CA VAL B 12 -54.78 -3.13 -20.67
C VAL B 12 -54.28 -4.60 -20.71
N PRO B 13 -54.72 -5.47 -19.77
CA PRO B 13 -54.26 -6.87 -19.80
C PRO B 13 -54.82 -7.66 -20.96
N GLY B 14 -54.03 -8.64 -21.41
CA GLY B 14 -54.48 -9.54 -22.48
C GLY B 14 -54.98 -10.81 -21.82
N GLU B 15 -54.92 -11.96 -22.51
CA GLU B 15 -55.35 -13.24 -21.93
C GLU B 15 -54.16 -13.95 -21.29
N GLN B 16 -54.42 -14.87 -20.33
CA GLN B 16 -53.40 -15.61 -19.60
C GLN B 16 -52.44 -16.25 -20.58
N ALA B 17 -51.14 -15.95 -20.41
CA ALA B 17 -50.13 -16.46 -21.33
C ALA B 17 -49.04 -17.21 -20.60
N VAL B 18 -48.24 -17.95 -21.37
CA VAL B 18 -47.04 -18.65 -20.92
C VAL B 18 -45.91 -18.14 -21.79
N LEU B 19 -44.86 -17.58 -21.15
CA LEU B 19 -43.69 -17.08 -21.84
C LEU B 19 -42.50 -17.92 -21.45
N THR B 20 -41.73 -18.37 -22.44
CA THR B 20 -40.50 -19.12 -22.21
C THR B 20 -39.36 -18.17 -22.53
N ILE B 21 -38.55 -17.86 -21.52
CA ILE B 21 -37.41 -16.95 -21.71
C ILE B 21 -36.15 -17.76 -21.73
N LYS B 22 -35.36 -17.59 -22.79
CA LYS B 22 -34.06 -18.24 -22.94
C LYS B 22 -32.99 -17.18 -22.85
N LEU B 23 -32.00 -17.39 -21.97
CA LEU B 23 -30.91 -16.44 -21.83
C LEU B 23 -29.70 -16.96 -22.55
N LYS B 24 -29.08 -16.11 -23.38
CA LYS B 24 -27.89 -16.49 -24.13
CA LYS B 24 -27.89 -16.49 -24.13
C LYS B 24 -26.88 -15.35 -24.10
N GLY B 25 -25.67 -15.60 -24.64
CA GLY B 25 -24.62 -14.60 -24.69
C GLY B 25 -24.79 -13.60 -25.81
N ASP B 26 -23.77 -12.76 -26.00
CA ASP B 26 -23.84 -11.71 -27.02
C ASP B 26 -22.74 -11.83 -28.09
N GLY B 27 -22.17 -13.02 -28.25
CA GLY B 27 -21.11 -13.23 -29.21
C GLY B 27 -21.44 -13.87 -30.54
N ASP B 28 -20.34 -14.11 -31.32
CA ASP B 28 -20.25 -14.73 -32.65
CA ASP B 28 -20.25 -14.73 -32.65
C ASP B 28 -21.15 -14.04 -33.70
N ASN B 29 -21.51 -14.78 -34.79
CA ASN B 29 -22.33 -14.35 -35.92
C ASN B 29 -23.82 -14.36 -35.55
N PRO B 38 -12.55 -9.22 -35.73
CA PRO B 38 -12.47 -8.37 -34.53
C PRO B 38 -12.03 -9.16 -33.29
N ALA B 39 -11.15 -8.55 -32.47
CA ALA B 39 -10.62 -9.12 -31.22
C ALA B 39 -11.77 -9.38 -30.22
N THR B 40 -11.77 -10.56 -29.57
CA THR B 40 -12.84 -10.95 -28.65
C THR B 40 -12.32 -11.69 -27.40
N ASP B 41 -12.77 -11.25 -26.21
CA ASP B 41 -12.47 -11.88 -24.93
C ASP B 41 -13.77 -12.56 -24.47
N THR B 42 -13.93 -13.87 -24.76
CA THR B 42 -15.11 -14.65 -24.39
C THR B 42 -14.96 -15.09 -22.94
N GLU B 43 -15.92 -14.67 -22.11
CA GLU B 43 -15.90 -14.89 -20.68
C GLU B 43 -17.11 -15.73 -20.25
N ASP B 44 -16.85 -16.95 -19.75
CA ASP B 44 -17.92 -17.79 -19.19
C ASP B 44 -18.40 -17.08 -17.92
N ALA B 45 -19.61 -16.53 -17.97
CA ALA B 45 -20.13 -15.79 -16.84
C ALA B 45 -21.27 -16.56 -16.19
N VAL B 46 -21.12 -16.83 -14.91
CA VAL B 46 -22.15 -17.58 -14.18
C VAL B 46 -23.35 -16.67 -13.89
N ILE B 47 -24.54 -17.20 -14.11
CA ILE B 47 -25.77 -16.51 -13.75
C ILE B 47 -26.15 -17.05 -12.39
N ASN B 48 -25.99 -16.24 -11.33
CA ASN B 48 -26.36 -16.66 -9.98
C ASN B 48 -27.86 -16.51 -9.77
N ASN B 49 -28.43 -15.46 -10.40
CA ASN B 49 -29.83 -15.10 -10.30
C ASN B 49 -30.13 -14.07 -11.38
N TYR B 50 -31.40 -13.82 -11.64
CA TYR B 50 -31.77 -12.80 -12.60
C TYR B 50 -33.20 -12.33 -12.35
N LEU B 51 -33.55 -11.21 -12.97
CA LEU B 51 -34.92 -10.67 -12.92
C LEU B 51 -35.40 -10.50 -14.34
N VAL B 52 -36.66 -10.84 -14.60
CA VAL B 52 -37.29 -10.63 -15.91
C VAL B 52 -38.45 -9.64 -15.72
N PHE B 53 -38.43 -8.55 -16.49
CA PHE B 53 -39.46 -7.52 -16.48
C PHE B 53 -40.19 -7.59 -17.78
N LEU B 54 -41.52 -7.73 -17.72
CA LEU B 54 -42.32 -7.77 -18.94
C LEU B 54 -43.15 -6.50 -18.99
N PHE B 55 -43.19 -5.84 -20.15
CA PHE B 55 -43.95 -4.60 -20.27
C PHE B 55 -44.93 -4.62 -21.40
N ARG B 56 -46.04 -3.92 -21.21
CA ARG B 56 -47.09 -3.77 -22.23
C ARG B 56 -46.68 -2.63 -23.20
N GLU B 57 -47.47 -2.42 -24.28
CA GLU B 57 -47.19 -1.40 -25.29
CA GLU B 57 -47.18 -1.40 -25.29
C GLU B 57 -46.96 -0.01 -24.66
N GLY B 58 -47.83 0.35 -23.71
CA GLY B 58 -47.74 1.65 -23.03
C GLY B 58 -46.77 1.75 -21.87
N GLY B 59 -45.88 0.75 -21.71
CA GLY B 59 -44.86 0.76 -20.67
C GLY B 59 -45.28 0.21 -19.31
N ALA B 60 -46.56 -0.17 -19.11
CA ALA B 60 -46.95 -0.74 -17.80
C ALA B 60 -46.39 -2.12 -17.63
N LEU B 61 -46.09 -2.51 -16.38
CA LEU B 61 -45.69 -3.91 -16.10
C LEU B 61 -46.86 -4.85 -16.48
N ASP B 62 -46.52 -5.95 -17.15
CA ASP B 62 -47.56 -6.91 -17.55
C ASP B 62 -47.88 -7.85 -16.37
N CYS B 63 -46.96 -7.90 -15.42
CA CYS B 63 -47.02 -8.69 -14.18
C CYS B 63 -45.85 -8.27 -13.31
N ALA B 64 -45.85 -8.72 -12.03
CA ALA B 64 -44.73 -8.47 -11.12
C ALA B 64 -43.44 -9.11 -11.71
N PRO B 65 -42.25 -8.52 -11.48
CA PRO B 65 -41.02 -9.08 -12.07
C PRO B 65 -40.76 -10.51 -11.62
N TYR B 66 -40.22 -11.33 -12.55
CA TYR B 66 -39.93 -12.73 -12.26
C TYR B 66 -38.56 -12.84 -11.63
N GLU B 67 -38.45 -13.60 -10.51
CA GLU B 67 -37.16 -13.77 -9.86
C GLU B 67 -36.62 -15.13 -10.23
N GLY B 68 -35.59 -15.15 -11.04
CA GLY B 68 -34.93 -16.38 -11.45
C GLY B 68 -33.73 -16.72 -10.60
N SER B 69 -33.44 -18.03 -10.57
CA SER B 69 -32.30 -18.58 -9.83
CA SER B 69 -32.31 -18.61 -9.83
CA SER B 69 -32.30 -18.59 -9.84
C SER B 69 -31.13 -18.80 -10.80
N SER B 70 -30.21 -19.76 -10.49
CA SER B 70 -29.03 -20.03 -11.33
C SER B 70 -29.38 -20.92 -12.52
N ASN B 71 -29.87 -20.29 -13.59
CA ASN B 71 -30.27 -21.00 -14.81
C ASN B 71 -30.34 -20.02 -16.00
N ALA B 72 -30.60 -20.54 -17.20
CA ALA B 72 -30.69 -19.71 -18.42
C ALA B 72 -32.03 -19.93 -19.15
N ALA B 73 -33.07 -20.41 -18.41
CA ALA B 73 -34.41 -20.64 -18.96
C ALA B 73 -35.50 -20.47 -17.89
N ALA B 74 -36.44 -19.54 -18.12
CA ALA B 74 -37.58 -19.28 -17.23
C ALA B 74 -38.87 -19.54 -17.93
N THR B 75 -39.85 -20.07 -17.18
CA THR B 75 -41.19 -20.27 -17.68
C THR B 75 -42.05 -19.33 -16.86
N ILE B 76 -42.51 -18.23 -17.46
CA ILE B 76 -43.32 -17.23 -16.77
C ILE B 76 -44.78 -17.48 -17.11
N THR B 77 -45.62 -17.72 -16.08
CA THR B 77 -47.04 -18.01 -16.26
C THR B 77 -47.92 -16.91 -15.65
N THR B 78 -47.32 -15.84 -15.09
CA THR B 78 -48.06 -14.78 -14.42
C THR B 78 -48.46 -13.60 -15.36
N GLY B 79 -47.95 -13.64 -16.58
CA GLY B 79 -48.17 -12.60 -17.58
C GLY B 79 -49.33 -12.82 -18.51
N THR B 80 -49.46 -11.92 -19.49
CA THR B 80 -50.60 -11.95 -20.43
C THR B 80 -50.14 -11.77 -21.85
N THR B 81 -51.07 -11.86 -22.80
CA THR B 81 -50.76 -11.68 -24.23
C THR B 81 -50.54 -10.21 -24.56
N ALA B 82 -50.64 -9.33 -23.55
CA ALA B 82 -50.36 -7.91 -23.72
C ALA B 82 -48.85 -7.60 -23.57
N ALA B 83 -48.02 -8.58 -23.12
CA ALA B 83 -46.57 -8.35 -23.01
C ALA B 83 -45.96 -8.06 -24.40
N LYS B 84 -45.16 -6.99 -24.51
CA LYS B 84 -44.53 -6.55 -25.77
C LYS B 84 -42.99 -6.53 -25.70
N LYS B 85 -42.42 -6.33 -24.51
CA LYS B 85 -40.98 -6.25 -24.31
C LYS B 85 -40.59 -7.01 -23.06
N ALA B 86 -39.46 -7.72 -23.14
CA ALA B 86 -38.86 -8.41 -22.01
C ALA B 86 -37.49 -7.82 -21.77
N TYR B 87 -37.21 -7.45 -20.51
CA TYR B 87 -35.90 -6.97 -20.08
C TYR B 87 -35.38 -7.92 -19.05
N VAL B 88 -34.08 -8.23 -19.11
CA VAL B 88 -33.43 -9.16 -18.18
C VAL B 88 -32.22 -8.49 -17.57
N VAL B 89 -32.10 -8.59 -16.24
CA VAL B 89 -30.94 -8.13 -15.50
C VAL B 89 -30.47 -9.31 -14.67
N ALA B 90 -29.21 -9.72 -14.83
CA ALA B 90 -28.66 -10.83 -14.07
C ALA B 90 -27.70 -10.37 -13.00
N ASN B 91 -27.64 -11.15 -11.89
CA ASN B 91 -26.65 -11.05 -10.80
C ASN B 91 -26.75 -9.78 -9.95
N THR B 92 -27.97 -9.23 -9.78
CA THR B 92 -28.13 -8.11 -8.84
C THR B 92 -28.83 -8.60 -7.55
N GLY B 93 -29.12 -9.90 -7.48
CA GLY B 93 -29.76 -10.51 -6.31
C GLY B 93 -31.26 -10.31 -6.20
N ALA B 94 -31.81 -10.56 -5.00
CA ALA B 94 -33.23 -10.48 -4.69
C ALA B 94 -33.88 -9.18 -5.18
N LEU B 95 -35.13 -9.28 -5.65
CA LEU B 95 -35.88 -8.11 -6.08
C LEU B 95 -36.13 -7.17 -4.88
N ALA B 96 -36.70 -7.69 -3.76
CA ALA B 96 -37.02 -6.90 -2.56
C ALA B 96 -35.79 -6.25 -1.95
N GLY B 97 -35.87 -4.94 -1.73
CA GLY B 97 -34.77 -4.16 -1.18
C GLY B 97 -33.62 -3.91 -2.14
N GLY B 98 -33.75 -4.39 -3.38
CA GLY B 98 -32.72 -4.20 -4.39
C GLY B 98 -32.93 -2.98 -5.25
N LEU B 99 -32.05 -2.82 -6.27
CA LEU B 99 -32.07 -1.69 -7.20
C LEU B 99 -33.35 -1.54 -8.00
N PHE B 100 -34.12 -2.63 -8.14
CA PHE B 100 -35.30 -2.65 -9.01
C PHE B 100 -36.62 -2.75 -8.28
N ALA B 101 -36.58 -2.73 -6.95
CA ALA B 101 -37.77 -2.87 -6.08
C ALA B 101 -38.81 -1.78 -6.35
N THR B 102 -38.42 -0.57 -6.81
CA THR B 102 -39.41 0.51 -7.04
C THR B 102 -39.84 0.64 -8.52
N VAL B 103 -39.37 -0.24 -9.42
CA VAL B 103 -39.72 -0.17 -10.85
C VAL B 103 -41.21 -0.46 -11.00
N LYS B 104 -41.93 0.47 -11.61
CA LYS B 104 -43.39 0.32 -11.85
C LYS B 104 -43.68 0.29 -13.35
N THR B 105 -42.79 0.91 -14.15
CA THR B 105 -42.94 1.08 -15.60
C THR B 105 -41.63 0.89 -16.36
N GLU B 106 -41.72 0.79 -17.69
CA GLU B 106 -40.58 0.64 -18.57
C GLU B 106 -39.65 1.85 -18.43
N THR B 107 -40.22 3.06 -18.34
CA THR B 107 -39.46 4.30 -18.14
C THR B 107 -38.65 4.19 -16.84
N ASP B 108 -39.25 3.65 -15.76
CA ASP B 108 -38.52 3.46 -14.50
C ASP B 108 -37.36 2.54 -14.64
N LEU B 109 -37.58 1.39 -15.27
CA LEU B 109 -36.53 0.40 -15.42
C LEU B 109 -35.32 0.98 -16.20
N LEU B 110 -35.62 1.71 -17.28
CA LEU B 110 -34.59 2.24 -18.17
C LEU B 110 -33.67 3.24 -17.45
N ALA B 111 -34.14 3.85 -16.35
CA ALA B 111 -33.39 4.83 -15.57
C ALA B 111 -32.56 4.22 -14.43
N VAL B 112 -32.75 2.94 -14.11
CA VAL B 112 -32.08 2.31 -12.94
C VAL B 112 -30.56 2.27 -13.15
N THR B 113 -29.81 2.69 -12.13
CA THR B 113 -28.35 2.63 -12.12
C THR B 113 -27.91 1.89 -10.86
N GLY B 114 -26.78 1.25 -10.95
CA GLY B 114 -26.16 0.54 -9.82
C GLY B 114 -24.80 1.16 -9.57
N SER B 115 -24.22 0.93 -8.38
CA SER B 115 -22.90 1.48 -8.07
CA SER B 115 -22.91 1.46 -8.01
C SER B 115 -21.82 0.43 -8.23
N LEU B 116 -20.59 0.87 -8.52
CA LEU B 116 -19.49 -0.07 -8.70
C LEU B 116 -19.12 -0.74 -7.39
N ASP B 118 -20.17 -1.62 -3.09
CA ASP B 118 -21.30 -1.74 -2.17
C ASP B 118 -21.24 -0.54 -1.19
N ASN B 119 -22.12 -0.50 -0.17
CA ASN B 119 -22.22 0.58 0.81
CA ASN B 119 -22.19 0.63 0.76
C ASN B 119 -20.95 0.81 1.65
N THR B 120 -19.99 -0.16 1.68
CA THR B 120 -18.75 0.01 2.47
C THR B 120 -17.72 0.80 1.67
N ASP B 121 -17.95 0.90 0.33
CA ASP B 121 -17.11 1.54 -0.71
C ASP B 121 -15.86 0.73 -1.04
N ASN B 122 -15.59 -0.36 -0.31
CA ASN B 122 -14.34 -1.13 -0.44
C ASN B 122 -14.52 -2.52 -1.01
N ALA B 123 -15.74 -2.90 -1.33
CA ALA B 123 -16.05 -4.18 -1.97
C ALA B 123 -16.78 -3.88 -3.27
N SER B 124 -16.35 -4.47 -4.38
CA SER B 124 -17.01 -4.22 -5.67
C SER B 124 -18.28 -5.06 -5.82
N THR B 125 -19.25 -4.53 -6.57
CA THR B 125 -20.45 -5.29 -6.90
C THR B 125 -20.11 -6.29 -8.00
N GLN B 126 -18.99 -6.05 -8.71
CA GLN B 126 -18.48 -6.87 -9.82
C GLN B 126 -17.30 -7.74 -9.32
N THR B 127 -17.49 -9.05 -9.39
CA THR B 127 -16.47 -10.03 -8.99
C THR B 127 -16.41 -11.10 -10.07
N LYS B 128 -15.29 -11.88 -10.12
CA LYS B 128 -15.16 -12.95 -11.13
C LYS B 128 -16.35 -13.92 -11.10
N THR B 129 -16.98 -14.11 -9.93
CA THR B 129 -18.09 -15.05 -9.82
C THR B 129 -19.44 -14.33 -9.85
N ASN B 130 -19.47 -13.01 -10.03
CA ASN B 130 -20.73 -12.26 -10.05
C ASN B 130 -20.59 -11.01 -10.87
N LEU B 131 -20.96 -11.08 -12.16
CA LEU B 131 -20.88 -9.91 -13.04
C LEU B 131 -22.27 -9.51 -13.47
N TRP B 132 -22.62 -8.22 -13.33
CA TRP B 132 -23.94 -7.77 -13.79
C TRP B 132 -24.04 -7.89 -15.30
N SER B 134 -27.11 -7.54 -18.67
CA SER B 134 -28.46 -7.10 -19.00
C SER B 134 -28.74 -7.27 -20.49
N GLY B 135 -30.01 -7.28 -20.82
CA GLY B 135 -30.44 -7.44 -22.20
C GLY B 135 -31.93 -7.27 -22.34
N GLU B 136 -32.39 -7.18 -23.59
CA GLU B 136 -33.81 -6.99 -23.85
C GLU B 136 -34.24 -7.60 -25.16
N SER B 137 -35.54 -7.94 -25.26
CA SER B 137 -36.08 -8.49 -26.48
C SER B 137 -37.52 -8.16 -26.65
N GLU B 138 -37.98 -8.15 -27.91
N GLU B 138 -37.98 -8.14 -27.92
CA GLU B 138 -39.39 -7.95 -28.21
CA GLU B 138 -39.40 -7.94 -28.19
C GLU B 138 -40.12 -9.26 -27.92
C GLU B 138 -40.12 -9.26 -27.90
N VAL B 139 -41.40 -9.19 -27.53
CA VAL B 139 -42.21 -10.37 -27.22
C VAL B 139 -43.24 -10.50 -28.34
N LYS B 140 -43.29 -11.68 -29.01
CA LYS B 140 -44.26 -11.91 -30.10
C LYS B 140 -45.06 -13.16 -29.81
N PHE B 141 -46.39 -13.04 -29.89
CA PHE B 141 -47.32 -14.16 -29.66
C PHE B 141 -47.91 -14.69 -30.97
N ASN B 142 -48.02 -13.83 -32.02
CA ASN B 142 -48.62 -14.12 -33.35
C ASN B 142 -50.01 -14.78 -33.21
N GLY B 143 -50.89 -14.13 -32.44
CA GLY B 143 -52.26 -14.60 -32.19
C GLY B 143 -52.45 -15.68 -31.15
N GLY B 144 -51.35 -16.27 -30.68
CA GLY B 144 -51.38 -17.34 -29.68
C GLY B 144 -51.26 -16.87 -28.24
N THR B 145 -51.23 -17.84 -27.29
CA THR B 145 -51.11 -17.56 -25.85
C THR B 145 -49.72 -18.03 -25.33
N ASN B 146 -48.83 -18.40 -26.25
CA ASN B 146 -47.48 -18.88 -25.93
C ASN B 146 -46.45 -18.09 -26.69
N ALA B 147 -45.39 -17.70 -25.99
CA ALA B 147 -44.32 -16.97 -26.63
C ALA B 147 -42.98 -17.54 -26.22
N GLN B 148 -42.05 -17.59 -27.18
CA GLN B 148 -40.68 -17.99 -26.94
C GLN B 148 -39.85 -16.73 -27.13
N VAL B 149 -39.10 -16.35 -26.08
CA VAL B 149 -38.31 -15.13 -26.11
C VAL B 149 -36.84 -15.49 -25.82
N THR B 150 -35.93 -15.05 -26.71
CA THR B 150 -34.49 -15.25 -26.52
C THR B 150 -33.89 -13.89 -26.16
N VAL B 151 -33.15 -13.81 -25.05
CA VAL B 151 -32.56 -12.54 -24.63
C VAL B 151 -31.04 -12.69 -24.57
N SER B 152 -30.33 -11.83 -25.33
CA SER B 152 -28.87 -11.80 -25.37
CA SER B 152 -28.87 -11.80 -25.37
CA SER B 152 -28.88 -11.81 -25.37
C SER B 152 -28.36 -10.87 -24.28
N LEU B 153 -27.59 -11.42 -23.35
CA LEU B 153 -27.06 -10.64 -22.24
C LEU B 153 -25.68 -10.08 -22.56
N SER B 154 -25.43 -8.84 -22.11
CA SER B 154 -24.13 -8.19 -22.24
C SER B 154 -23.65 -7.71 -20.89
N PHE B 155 -22.32 -7.65 -20.65
CA PHE B 155 -21.81 -7.13 -19.39
C PHE B 155 -22.11 -5.66 -19.23
N VAL B 156 -22.45 -5.24 -18.01
CA VAL B 156 -22.68 -3.84 -17.71
C VAL B 156 -21.32 -3.14 -17.55
N ALA B 157 -20.34 -3.88 -17.00
CA ALA B 157 -18.99 -3.35 -16.74
C ALA B 157 -18.05 -3.56 -17.94
N ALA B 158 -16.86 -3.01 -17.79
CA ALA B 158 -15.70 -3.19 -18.65
C ALA B 158 -14.62 -3.88 -17.77
N LYS B 159 -13.65 -4.53 -18.42
CA LYS B 159 -12.58 -5.20 -17.70
C LYS B 159 -11.24 -4.62 -18.17
N ILE B 160 -10.33 -4.37 -17.22
CA ILE B 160 -9.01 -3.84 -17.53
C ILE B 160 -7.99 -4.82 -16.99
N GLN B 161 -7.08 -5.31 -17.85
CA GLN B 161 -6.03 -6.23 -17.45
C GLN B 161 -4.68 -5.56 -17.60
N LEU B 162 -3.76 -5.80 -16.67
CA LEU B 162 -2.41 -5.23 -16.75
C LEU B 162 -1.35 -6.30 -16.96
N ILE B 163 -0.45 -6.06 -17.95
CA ILE B 163 0.75 -6.89 -18.21
C ILE B 163 1.95 -5.99 -18.01
N VAL B 164 2.88 -6.38 -17.10
CA VAL B 164 4.06 -5.57 -16.88
C VAL B 164 5.28 -6.30 -17.43
N LYS B 165 6.06 -5.61 -18.26
CA LYS B 165 7.34 -6.10 -18.73
C LYS B 165 8.36 -5.20 -18.12
N ASP B 166 9.07 -5.70 -17.10
CA ASP B 166 9.93 -4.81 -16.35
C ASP B 166 11.39 -4.97 -16.76
N ASN B 167 11.93 -3.93 -17.44
CA ASN B 167 13.30 -3.89 -17.91
C ASN B 167 14.12 -2.84 -17.19
N ARG B 168 13.60 -2.35 -16.05
CA ARG B 168 14.37 -1.40 -15.27
C ARG B 168 15.55 -2.13 -14.63
N LYS B 169 16.68 -1.45 -14.46
CA LYS B 169 17.86 -2.03 -13.86
C LYS B 169 18.20 -1.29 -12.59
N ASN B 170 18.92 -1.97 -11.68
CA ASN B 170 19.44 -1.36 -10.47
C ASN B 170 18.38 -0.60 -9.69
N THR B 172 17.47 -1.27 -6.70
CA THR B 172 18.00 -1.21 -5.33
C THR B 172 19.55 -1.11 -5.33
N GLY B 173 20.11 -0.63 -4.22
CA GLY B 173 21.55 -0.57 -4.02
C GLY B 173 22.27 0.70 -4.40
N GLY B 174 21.58 1.60 -5.11
CA GLY B 174 22.17 2.86 -5.54
C GLY B 174 21.61 4.08 -4.83
N THR B 175 21.93 5.28 -5.40
CA THR B 175 21.50 6.60 -4.90
C THR B 175 19.98 6.71 -4.86
N ILE B 176 19.32 6.25 -5.94
CA ILE B 176 17.87 6.27 -6.04
C ILE B 176 17.41 4.85 -5.98
N THR B 177 16.39 4.60 -5.16
CA THR B 177 15.81 3.27 -5.08
CA THR B 177 15.78 3.29 -5.00
C THR B 177 14.30 3.38 -5.33
N ILE B 178 13.77 2.38 -6.02
CA ILE B 178 12.35 2.32 -6.30
C ILE B 178 11.87 0.95 -5.87
N THR B 179 10.78 0.95 -5.10
CA THR B 179 10.10 -0.25 -4.68
C THR B 179 8.68 -0.13 -5.21
N ASP B 180 8.23 -1.11 -6.01
CA ASP B 180 6.85 -1.05 -6.51
C ASP B 180 5.89 -1.47 -5.41
N ASP B 181 4.75 -0.75 -5.24
CA ASP B 181 3.82 -1.04 -4.15
C ASP B 181 2.50 -1.66 -4.60
N ALA B 182 1.90 -1.11 -5.66
CA ALA B 182 0.58 -1.61 -6.07
C ALA B 182 0.23 -1.27 -7.50
N ALA B 183 -0.68 -2.04 -8.05
CA ALA B 183 -1.32 -1.71 -9.33
C ALA B 183 -2.63 -1.10 -8.91
N VAL B 184 -2.89 0.16 -9.32
CA VAL B 184 -4.06 0.89 -8.85
C VAL B 184 -4.96 1.39 -10.03
N LEU B 185 -6.27 1.49 -9.79
CA LEU B 185 -7.20 2.06 -10.75
C LEU B 185 -7.68 3.37 -10.15
N LEU B 186 -7.42 4.47 -10.85
CA LEU B 186 -7.85 5.78 -10.37
C LEU B 186 -9.05 6.26 -11.15
N PHE B 187 -10.05 6.80 -10.45
CA PHE B 187 -11.26 7.36 -11.07
C PHE B 187 -12.03 6.35 -11.91
N ALA B 188 -12.36 5.24 -11.26
CA ALA B 188 -13.29 4.27 -11.84
C ALA B 188 -14.70 4.89 -11.81
N GLY B 189 -15.44 4.85 -12.92
CA GLY B 189 -16.80 5.39 -12.95
C GLY B 189 -17.70 4.74 -11.89
N LYS B 190 -18.40 5.56 -11.09
CA LYS B 190 -19.26 5.00 -10.03
C LYS B 190 -20.55 4.32 -10.58
N LYS B 191 -21.18 4.93 -11.61
CA LYS B 191 -22.52 4.55 -12.11
C LYS B 191 -22.54 3.48 -13.18
N GLY B 192 -23.27 2.41 -12.95
CA GLY B 192 -23.47 1.33 -13.90
C GLY B 192 -24.89 1.37 -14.41
N ARG B 193 -25.06 1.71 -15.68
CA ARG B 193 -26.37 1.81 -16.30
CA ARG B 193 -26.38 1.80 -16.26
C ARG B 193 -26.73 0.48 -16.93
N PHE B 194 -27.86 -0.10 -16.53
CA PHE B 194 -28.25 -1.37 -17.13
C PHE B 194 -28.78 -1.21 -18.57
N PHE B 195 -29.52 -0.12 -18.84
CA PHE B 195 -30.13 0.13 -20.14
C PHE B 195 -29.88 1.59 -20.54
N GLY B 196 -30.36 1.98 -21.71
CA GLY B 196 -30.15 3.37 -22.13
C GLY B 196 -29.16 3.51 -23.24
N SER B 197 -28.95 4.73 -23.71
CA SER B 197 -28.06 5.03 -24.82
C SER B 197 -26.61 4.76 -24.47
N ALA B 198 -25.78 4.55 -25.52
CA ALA B 198 -24.35 4.35 -25.40
C ALA B 198 -23.71 5.54 -24.68
N ALA B 199 -24.15 6.79 -24.99
CA ALA B 199 -23.62 8.01 -24.36
C ALA B 199 -23.94 8.08 -22.87
N GLU B 200 -25.17 7.68 -22.47
CA GLU B 200 -25.55 7.69 -21.06
C GLU B 200 -24.66 6.71 -20.27
N LYS B 201 -24.36 5.53 -20.86
CA LYS B 201 -23.59 4.46 -20.20
C LYS B 201 -22.16 4.86 -19.88
N VAL B 202 -21.60 5.89 -20.55
CA VAL B 202 -20.21 6.32 -20.33
C VAL B 202 -20.13 7.73 -19.68
N THR B 203 -21.28 8.24 -19.19
CA THR B 203 -21.27 9.56 -18.55
C THR B 203 -21.05 9.37 -17.06
N GLN B 204 -20.02 10.03 -16.50
CA GLN B 204 -19.76 9.91 -15.07
C GLN B 204 -19.49 11.25 -14.43
N ASN B 205 -19.98 11.45 -13.22
CA ASN B 205 -19.67 12.65 -12.46
C ASN B 205 -19.26 12.28 -11.00
N GLU B 206 -19.26 10.97 -10.69
CA GLU B 206 -18.81 10.40 -9.40
C GLU B 206 -17.89 9.23 -9.69
N PHE B 207 -16.89 9.04 -8.83
CA PHE B 207 -15.86 8.05 -9.06
C PHE B 207 -15.38 7.36 -7.78
N TYR B 208 -14.72 6.23 -7.97
CA TYR B 208 -13.96 5.57 -6.92
C TYR B 208 -12.49 5.63 -7.31
N THR B 209 -11.56 5.64 -6.34
CA THR B 209 -10.14 5.69 -6.68
C THR B 209 -9.35 4.75 -5.71
N GLY B 210 -8.36 4.05 -6.23
CA GLY B 210 -7.59 3.11 -5.39
C GLY B 210 -6.45 3.73 -4.59
N PHE B 211 -6.08 4.97 -4.92
CA PHE B 211 -5.00 5.69 -4.24
C PHE B 211 -5.21 7.18 -4.43
N ASN B 212 -5.08 7.99 -3.35
CA ASN B 212 -5.26 9.42 -3.53
C ASN B 212 -4.25 10.26 -2.73
N GLN B 213 -3.17 9.63 -2.19
CA GLN B 213 -2.16 10.31 -1.38
CA GLN B 213 -2.16 10.31 -1.37
C GLN B 213 -0.99 10.83 -2.24
N TYR B 214 -1.32 11.75 -3.16
CA TYR B 214 -0.40 12.42 -4.09
C TYR B 214 -0.91 13.86 -4.25
N THR B 215 0.01 14.82 -4.54
CA THR B 215 -0.32 16.24 -4.65
CA THR B 215 -0.38 16.22 -4.62
C THR B 215 -1.28 16.51 -5.81
N GLY B 216 -2.27 17.37 -5.56
CA GLY B 216 -3.27 17.86 -6.50
C GLY B 216 -4.30 16.87 -6.99
N ALA B 217 -4.47 15.75 -6.28
CA ALA B 217 -5.41 14.70 -6.68
C ALA B 217 -6.83 15.24 -6.87
N PHE B 218 -7.44 14.94 -8.03
CA PHE B 218 -8.81 15.30 -8.35
C PHE B 218 -9.71 14.67 -7.30
N ASP B 219 -10.60 15.46 -6.69
CA ASP B 219 -11.40 14.98 -5.57
C ASP B 219 -12.91 15.26 -5.65
N SER B 220 -13.40 15.85 -6.75
CA SER B 220 -14.83 16.14 -6.90
C SER B 220 -15.60 14.87 -7.12
N GLY B 221 -16.44 14.54 -6.12
CA GLY B 221 -17.28 13.34 -6.16
C GLY B 221 -16.47 12.05 -6.18
N VAL B 222 -15.31 12.04 -5.51
CA VAL B 222 -14.42 10.88 -5.50
C VAL B 222 -14.43 10.19 -4.13
N THR B 223 -14.51 8.84 -4.14
CA THR B 223 -14.46 8.01 -2.93
C THR B 223 -13.30 7.01 -3.03
N THR B 224 -12.52 6.80 -1.95
CA THR B 224 -11.44 5.82 -2.00
C THR B 224 -12.03 4.41 -1.92
N SER B 225 -11.37 3.46 -2.60
CA SER B 225 -11.80 2.06 -2.53
C SER B 225 -10.58 1.18 -2.53
N THR B 226 -10.46 0.30 -1.50
CA THR B 226 -9.33 -0.61 -1.43
C THR B 226 -9.46 -1.69 -2.48
N ALA B 227 -10.66 -1.87 -3.07
CA ALA B 227 -10.83 -2.86 -4.15
C ALA B 227 -10.05 -2.44 -5.41
N LEU B 228 -9.63 -1.16 -5.47
CA LEU B 228 -8.95 -0.62 -6.66
C LEU B 228 -7.44 -0.50 -6.45
N SER B 229 -6.89 -1.34 -5.57
CA SER B 229 -5.45 -1.40 -5.32
C SER B 229 -5.02 -2.85 -5.09
N ASP B 230 -4.12 -3.38 -5.93
CA ASP B 230 -3.62 -4.75 -5.76
C ASP B 230 -2.14 -4.70 -5.48
N ALA B 231 -1.75 -5.14 -4.29
CA ALA B 231 -0.36 -5.08 -3.85
C ALA B 231 0.58 -5.87 -4.73
N VAL B 232 1.78 -5.29 -4.93
CA VAL B 232 2.87 -5.91 -5.67
C VAL B 232 3.85 -6.53 -4.67
N SER B 233 4.18 -7.81 -4.88
CA SER B 233 5.15 -8.49 -3.99
C SER B 233 6.51 -8.60 -4.69
N PRO B 234 7.63 -8.74 -3.93
CA PRO B 234 8.93 -8.89 -4.63
C PRO B 234 8.88 -10.12 -5.53
N GLY B 235 9.34 -9.98 -6.76
CA GLY B 235 9.29 -11.08 -7.71
C GLY B 235 8.10 -11.10 -8.65
N ASP B 236 7.01 -10.35 -8.34
CA ASP B 236 5.83 -10.28 -9.21
C ASP B 236 6.16 -9.65 -10.56
N PHE B 237 6.99 -8.60 -10.56
CA PHE B 237 7.36 -7.91 -11.81
C PHE B 237 8.72 -8.38 -12.32
N THR B 238 8.76 -8.94 -13.53
CA THR B 238 10.00 -9.43 -14.16
C THR B 238 10.01 -9.01 -15.64
N ILE B 239 10.98 -9.49 -16.43
CA ILE B 239 11.03 -9.22 -17.88
C ILE B 239 9.73 -9.75 -18.53
N ASN B 240 9.12 -10.78 -17.89
CA ASN B 240 7.82 -11.36 -18.24
C ASN B 240 7.79 -11.69 -19.73
N ALA B 241 8.72 -12.56 -20.18
CA ALA B 241 8.82 -12.93 -21.59
C ALA B 241 7.52 -13.57 -22.13
N GLY B 242 6.76 -14.22 -21.25
CA GLY B 242 5.48 -14.85 -21.60
C GLY B 242 4.26 -13.94 -21.62
N SER B 243 4.40 -12.65 -21.23
CA SER B 243 3.32 -11.64 -21.19
C SER B 243 2.13 -12.10 -20.29
N THR B 244 2.48 -12.64 -19.12
CA THR B 244 1.46 -13.05 -18.14
C THR B 244 0.81 -11.79 -17.55
N VAL B 245 -0.49 -11.91 -17.22
CA VAL B 245 -1.27 -10.80 -16.67
C VAL B 245 -1.01 -10.72 -15.17
N PHE B 246 -0.78 -9.51 -14.66
CA PHE B 246 -0.55 -9.31 -13.23
C PHE B 246 -1.90 -9.28 -12.47
N ASN B 247 -2.87 -8.52 -12.96
CA ASN B 247 -4.18 -8.41 -12.30
C ASN B 247 -5.19 -7.89 -13.27
N HIS B 248 -6.43 -7.70 -12.77
CA HIS B 248 -7.48 -7.09 -13.56
C HIS B 248 -8.41 -6.34 -12.63
N PHE B 249 -9.10 -5.34 -13.17
CA PHE B 249 -10.10 -4.58 -12.47
C PHE B 249 -11.37 -4.54 -13.28
N TYR B 250 -12.54 -4.49 -12.58
CA TYR B 250 -13.81 -4.27 -13.28
C TYR B 250 -14.19 -2.84 -13.03
N THR B 251 -14.75 -2.16 -14.02
CA THR B 251 -15.10 -0.76 -13.84
C THR B 251 -16.26 -0.40 -14.76
N PHE B 252 -16.81 0.80 -14.59
CA PHE B 252 -17.92 1.18 -15.45
C PHE B 252 -17.49 2.17 -16.53
N GLY B 253 -18.33 2.31 -17.54
CA GLY B 253 -18.06 3.18 -18.68
C GLY B 253 -17.66 4.58 -18.27
N ASN B 254 -16.67 5.16 -18.96
CA ASN B 254 -16.21 6.50 -18.63
C ASN B 254 -15.58 7.15 -19.86
N ASP B 255 -16.28 8.10 -20.50
CA ASP B 255 -15.74 8.82 -21.68
C ASP B 255 -14.68 9.91 -21.27
N GLY B 256 -14.52 10.09 -19.97
CA GLY B 256 -13.55 11.02 -19.39
C GLY B 256 -13.83 12.49 -19.57
N THR B 257 -15.07 12.84 -19.90
CA THR B 257 -15.41 14.26 -20.13
C THR B 257 -15.48 15.00 -18.79
N THR B 258 -15.48 14.27 -17.65
CA THR B 258 -15.34 14.90 -16.32
C THR B 258 -13.96 14.58 -15.79
N GLN B 259 -13.64 13.27 -15.71
CA GLN B 259 -12.32 12.85 -15.30
C GLN B 259 -12.08 11.50 -15.91
N PRO B 260 -10.99 11.32 -16.69
CA PRO B 260 -10.77 9.99 -17.26
C PRO B 260 -10.29 8.99 -16.22
N THR B 261 -10.57 7.71 -16.48
CA THR B 261 -10.06 6.62 -15.65
C THR B 261 -8.54 6.47 -15.93
N ILE B 262 -7.74 6.13 -14.89
CA ILE B 262 -6.29 5.98 -15.04
C ILE B 262 -5.86 4.66 -14.40
N LEU B 263 -5.13 3.83 -15.16
CA LEU B 263 -4.50 2.64 -14.61
C LEU B 263 -3.04 3.02 -14.28
N ALA B 264 -2.54 2.64 -13.11
CA ALA B 264 -1.14 2.97 -12.84
C ALA B 264 -0.46 1.94 -11.96
N ILE B 265 0.87 1.86 -12.06
CA ILE B 265 1.73 1.19 -11.10
C ILE B 265 2.11 2.28 -10.13
N LYS B 266 1.82 2.11 -8.86
CA LYS B 266 2.20 3.07 -7.83
C LYS B 266 3.42 2.48 -7.12
N SER B 267 4.50 3.28 -7.01
CA SER B 267 5.75 2.84 -6.40
C SER B 267 6.24 3.87 -5.40
N THR B 268 7.28 3.50 -4.64
CA THR B 268 7.92 4.38 -3.69
C THR B 268 9.34 4.64 -4.14
N LYS B 269 9.67 5.92 -4.33
CA LYS B 269 11.04 6.33 -4.68
C LYS B 269 11.75 6.86 -3.43
N THR B 270 12.99 6.39 -3.16
CA THR B 270 13.77 6.84 -2.00
C THR B 270 15.09 7.40 -2.48
N VAL B 271 15.42 8.62 -2.04
CA VAL B 271 16.66 9.30 -2.43
C VAL B 271 16.94 10.32 -1.35
N GLY B 272 18.21 10.44 -0.97
CA GLY B 272 18.63 11.37 0.07
C GLY B 272 17.89 11.19 1.37
N GLY B 273 17.52 9.94 1.67
CA GLY B 273 16.87 9.56 2.92
C GLY B 273 15.39 9.81 3.02
N THR B 274 14.77 10.25 1.93
CA THR B 274 13.32 10.51 1.96
C THR B 274 12.62 9.67 0.93
N SER B 275 11.42 9.16 1.29
CA SER B 275 10.58 8.34 0.40
C SER B 275 9.38 9.14 -0.06
N SER B 276 9.02 9.00 -1.36
CA SER B 276 7.88 9.71 -1.93
C SER B 276 7.20 8.84 -3.00
N PRO B 277 5.87 9.02 -3.24
CA PRO B 277 5.19 8.17 -4.21
C PRO B 277 5.45 8.60 -5.66
N ILE B 278 5.61 7.62 -6.55
CA ILE B 278 5.79 7.84 -8.01
C ILE B 278 4.83 6.90 -8.72
N PHE B 279 4.52 7.21 -9.97
CA PHE B 279 3.54 6.46 -10.77
C PHE B 279 4.02 6.16 -12.16
N TYR B 280 3.55 5.04 -12.73
CA TYR B 280 3.77 4.69 -14.13
C TYR B 280 2.34 4.58 -14.67
N PRO B 281 1.77 5.69 -15.16
CA PRO B 281 0.32 5.69 -15.45
C PRO B 281 -0.06 5.63 -16.92
N ILE B 282 -1.35 5.31 -17.15
CA ILE B 282 -1.93 5.35 -18.48
CA ILE B 282 -1.98 5.19 -18.46
C ILE B 282 -3.33 5.89 -18.34
N LEU B 283 -3.56 7.04 -18.98
CA LEU B 283 -4.86 7.69 -18.90
C LEU B 283 -5.74 7.11 -20.00
N PHE B 284 -7.00 6.79 -19.67
CA PHE B 284 -7.96 6.27 -20.66
C PHE B 284 -8.65 7.46 -21.33
N THR B 285 -7.89 8.10 -22.21
CA THR B 285 -8.30 9.21 -23.05
C THR B 285 -7.98 8.87 -24.49
N ASN B 286 -8.56 9.59 -25.44
CA ASN B 286 -8.25 9.35 -26.83
C ASN B 286 -6.79 9.72 -27.21
N THR B 287 -6.08 10.52 -26.40
CA THR B 287 -4.70 10.91 -26.76
C THR B 287 -3.64 10.07 -26.04
N ASP B 288 -3.97 9.47 -24.86
CA ASP B 288 -2.93 8.73 -24.10
C ASP B 288 -3.08 7.22 -24.37
N ALA B 289 -4.04 6.51 -23.72
CA ALA B 289 -4.29 5.08 -24.01
C ALA B 289 -4.79 4.91 -25.44
N ARG B 290 -5.41 5.98 -26.00
CA ARG B 290 -6.08 6.05 -27.33
C ARG B 290 -7.43 5.25 -27.28
N HIS B 291 -7.96 5.10 -26.07
CA HIS B 291 -9.24 4.50 -25.74
C HIS B 291 -9.79 5.11 -24.51
N THR B 292 -11.09 5.35 -24.50
CA THR B 292 -11.80 5.67 -23.24
C THR B 292 -12.42 4.35 -22.81
N ILE B 293 -13.15 4.33 -21.69
CA ILE B 293 -13.73 3.07 -21.23
C ILE B 293 -15.20 2.93 -21.68
N GLU B 294 -15.53 1.82 -22.35
CA GLU B 294 -16.90 1.48 -22.79
C GLU B 294 -17.36 0.21 -22.11
N PRO B 295 -18.65 0.09 -21.74
CA PRO B 295 -19.12 -1.18 -21.17
C PRO B 295 -18.96 -2.29 -22.17
N GLY B 296 -18.79 -3.52 -21.70
CA GLY B 296 -18.68 -4.68 -22.57
C GLY B 296 -17.42 -4.75 -23.39
N LYS B 297 -16.37 -4.04 -22.96
CA LYS B 297 -15.07 -4.12 -23.61
C LYS B 297 -14.06 -4.62 -22.60
N SER B 298 -13.04 -5.31 -23.10
CA SER B 298 -11.97 -5.87 -22.31
C SER B 298 -10.66 -5.22 -22.78
N TYR B 299 -9.99 -4.46 -21.90
CA TYR B 299 -8.78 -3.72 -22.28
C TYR B 299 -7.58 -4.42 -21.73
N THR B 300 -6.58 -4.62 -22.56
CA THR B 300 -5.31 -5.21 -22.13
C THR B 300 -4.27 -4.12 -22.23
N VAL B 301 -3.70 -3.72 -21.08
CA VAL B 301 -2.67 -2.69 -20.98
C VAL B 301 -1.31 -3.36 -20.78
N THR B 302 -0.38 -3.21 -21.73
CA THR B 302 0.98 -3.77 -21.60
C THR B 302 1.88 -2.60 -21.35
N VAL B 303 2.59 -2.64 -20.22
CA VAL B 303 3.50 -1.57 -19.84
C VAL B 303 4.91 -2.16 -19.83
N THR B 304 5.82 -1.60 -20.66
CA THR B 304 7.23 -2.00 -20.70
C THR B 304 7.98 -0.87 -20.06
N LEU B 305 8.66 -1.15 -18.93
CA LEU B 305 9.41 -0.13 -18.21
C LEU B 305 10.89 -0.30 -18.39
N ASN B 306 11.64 0.80 -18.53
CA ASN B 306 13.09 0.61 -18.62
C ASN B 306 13.79 1.78 -17.97
N GLY B 307 15.12 1.72 -17.95
CA GLY B 307 15.94 2.75 -17.35
C GLY B 307 16.77 2.24 -16.21
N ASP B 308 17.93 2.87 -15.98
CA ASP B 308 18.82 2.55 -14.86
C ASP B 308 18.36 3.40 -13.68
N VAL B 309 17.61 2.79 -12.76
CA VAL B 309 16.99 3.52 -11.65
C VAL B 309 18.04 4.18 -10.74
N ALA B 310 19.11 3.46 -10.38
CA ALA B 310 20.18 4.00 -9.52
C ALA B 310 20.75 5.29 -10.11
N ALA B 311 20.85 5.36 -11.45
CA ALA B 311 21.40 6.48 -12.21
C ALA B 311 20.38 7.59 -12.56
N GLY B 312 19.12 7.45 -12.13
CA GLY B 312 18.11 8.48 -12.40
C GLY B 312 17.13 8.18 -13.51
N GLY B 313 17.26 7.02 -14.14
CA GLY B 313 16.34 6.59 -15.20
C GLY B 313 15.14 5.84 -14.63
N GLY B 314 14.16 5.52 -15.46
CA GLY B 314 12.97 4.77 -15.04
C GLY B 314 12.23 5.25 -13.80
N GLY B 315 12.16 6.57 -13.61
CA GLY B 315 11.59 7.23 -12.43
C GLY B 315 10.11 7.53 -12.39
N GLY B 316 9.40 7.23 -13.47
CA GLY B 316 7.96 7.51 -13.55
C GLY B 316 7.63 8.98 -13.35
N THR B 317 6.46 9.26 -12.79
CA THR B 317 6.00 10.64 -12.55
C THR B 317 5.43 10.80 -11.14
N THR B 318 5.50 12.03 -10.62
CA THR B 318 4.90 12.36 -9.32
C THR B 318 3.40 12.63 -9.49
N ASP B 319 2.95 12.96 -10.72
CA ASP B 319 1.54 13.28 -11.01
C ASP B 319 0.94 12.29 -12.03
N PRO B 320 0.14 11.31 -11.54
CA PRO B 320 -0.44 10.32 -12.46
C PRO B 320 -1.57 10.88 -13.30
N GLU B 321 -2.06 12.09 -12.98
CA GLU B 321 -3.17 12.71 -13.71
C GLU B 321 -2.72 13.51 -14.94
N GLU B 322 -1.39 13.66 -15.09
CA GLU B 322 -0.80 14.34 -16.25
C GLU B 322 -0.11 13.32 -17.12
N PRO B 323 -0.44 13.26 -18.43
CA PRO B 323 0.17 12.23 -19.29
C PRO B 323 1.69 12.32 -19.31
N VAL B 324 2.32 11.16 -19.35
CA VAL B 324 3.80 11.04 -19.37
C VAL B 324 4.24 10.84 -20.80
N VAL B 325 5.26 11.59 -21.22
CA VAL B 325 5.86 11.48 -22.54
C VAL B 325 7.32 11.10 -22.30
N SER B 326 7.64 9.78 -22.43
CA SER B 326 9.00 9.26 -22.22
CA SER B 326 8.99 9.25 -22.20
C SER B 326 9.16 7.86 -22.80
N SER B 327 10.40 7.54 -23.27
CA SER B 327 10.77 6.24 -23.82
C SER B 327 10.84 5.18 -22.66
N SER B 328 10.97 5.66 -21.40
CA SER B 328 11.07 4.85 -20.17
C SER B 328 9.76 4.10 -19.86
N ILE B 329 8.63 4.57 -20.40
CA ILE B 329 7.31 3.94 -20.21
C ILE B 329 6.73 3.72 -21.59
N GLU B 330 6.75 2.49 -22.08
CA GLU B 330 6.21 2.11 -23.38
C GLU B 330 4.89 1.40 -23.09
N VAL B 331 3.77 1.98 -23.57
CA VAL B 331 2.47 1.40 -23.28
C VAL B 331 1.73 1.04 -24.56
N THR B 332 1.09 -0.14 -24.57
CA THR B 332 0.17 -0.56 -25.64
C THR B 332 -1.15 -0.85 -24.97
N VAL B 333 -2.26 -0.34 -25.53
CA VAL B 333 -3.58 -0.65 -25.00
C VAL B 333 -4.38 -1.23 -26.12
N THR B 334 -4.90 -2.44 -25.94
CA THR B 334 -5.75 -3.03 -26.97
C THR B 334 -7.11 -3.23 -26.37
N ALA B 335 -8.16 -3.07 -27.20
CA ALA B 335 -9.52 -3.26 -26.71
C ALA B 335 -10.14 -4.39 -27.49
N ALA B 336 -10.82 -5.32 -26.78
CA ALA B 336 -11.51 -6.45 -27.39
C ALA B 336 -12.95 -6.46 -26.90
N GLN B 337 -13.85 -7.03 -27.70
CA GLN B 337 -15.24 -7.18 -27.24
C GLN B 337 -15.24 -8.15 -26.06
N TRP B 338 -15.85 -7.76 -24.96
CA TRP B 338 -15.93 -8.64 -23.79
C TRP B 338 -17.28 -9.35 -23.93
N VAL B 339 -17.25 -10.61 -24.36
CA VAL B 339 -18.40 -11.42 -24.69
C VAL B 339 -18.82 -12.31 -23.52
N THR B 340 -20.12 -12.28 -23.22
CA THR B 340 -20.69 -13.15 -22.20
C THR B 340 -20.89 -14.56 -22.77
N GLN B 341 -20.64 -15.56 -21.94
CA GLN B 341 -20.98 -16.95 -22.23
C GLN B 341 -21.74 -17.42 -20.97
N PRO B 342 -23.02 -17.01 -20.81
CA PRO B 342 -23.77 -17.36 -19.58
C PRO B 342 -23.86 -18.86 -19.29
N VAL B 343 -23.51 -19.23 -18.04
CA VAL B 343 -23.52 -20.62 -17.56
C VAL B 343 -24.27 -20.72 -16.20
N ASP B 344 -24.73 -21.95 -15.84
CA ASP B 344 -25.46 -22.22 -14.59
C ASP B 344 -24.52 -22.83 -13.55
#